data_7MCD
#
_entry.id   7MCD
#
_cell.length_a   44.230
_cell.length_b   103.570
_cell.length_c   80.940
_cell.angle_alpha   90.000
_cell.angle_beta   90.390
_cell.angle_gamma   90.000
#
_symmetry.space_group_name_H-M   'P 1 21 1'
#
loop_
_entity.id
_entity.type
_entity.pdbx_description
1 polymer 'AI-designed TIM-barrel F15C'
2 water water
#
_entity_poly.entity_id   1
_entity_poly.type   'polypeptide(L)'
_entity_poly.pdbx_seq_one_letter_code
;MDILIVNPDDFEKGVEEVKELKRHGAKIIAYISKSAEELKKAEKAGADILIVNPDDFEKGVEEVKELKRHGAKIIAYISK
SAEELKKAEKAGADILIVNPDDFEKGVEEVKELKRHGAKIIAYISKSAEELKKAEKAGADILIVNPDDFEKGVEEVKELK
RHGAKIIAYISKSAEELKKAEKAG
;
_entity_poly.pdbx_strand_id   A,B,C,D
#
# COMPACT_ATOMS: atom_id res chain seq x y z
N ASP A 2 13.94 -15.49 3.74
CA ASP A 2 13.18 -16.81 3.70
C ASP A 2 11.80 -16.68 4.38
N ILE A 3 11.72 -16.06 5.56
CA ILE A 3 10.47 -15.87 6.34
C ILE A 3 10.19 -14.37 6.44
N LEU A 4 9.04 -13.95 5.94
CA LEU A 4 8.64 -12.52 5.90
C LEU A 4 7.67 -12.26 7.05
N ILE A 5 8.06 -11.44 8.04
CA ILE A 5 7.26 -11.28 9.29
C ILE A 5 6.54 -9.94 9.27
N VAL A 6 5.20 -9.96 9.20
CA VAL A 6 4.37 -8.74 9.23
C VAL A 6 4.22 -8.28 10.68
N ASN A 7 4.67 -7.06 10.96
CA ASN A 7 4.47 -6.34 12.25
C ASN A 7 3.35 -5.34 12.04
N PRO A 8 2.08 -5.70 12.35
CA PRO A 8 0.92 -4.91 11.93
C PRO A 8 0.67 -3.65 12.78
N ASP A 9 0.27 -2.55 12.12
CA ASP A 9 -0.25 -1.32 12.77
C ASP A 9 -1.62 -1.60 13.41
N ASP A 10 -2.50 -2.27 12.65
CA ASP A 10 -3.81 -2.73 13.17
C ASP A 10 -4.21 -3.97 12.39
N PHE A 11 -5.27 -4.64 12.85
CA PHE A 11 -5.92 -5.79 12.18
C PHE A 11 -6.00 -5.54 10.68
N GLU A 12 -6.70 -4.47 10.27
CA GLU A 12 -7.08 -4.20 8.85
C GLU A 12 -5.82 -4.04 8.01
N LYS A 13 -4.89 -3.20 8.44
CA LYS A 13 -3.61 -2.92 7.73
C LYS A 13 -2.74 -4.18 7.68
N GLY A 14 -2.63 -4.92 8.79
CA GLY A 14 -1.87 -6.19 8.84
C GLY A 14 -2.33 -7.16 7.77
N VAL A 15 -3.65 -7.39 7.73
CA VAL A 15 -4.31 -8.31 6.75
C VAL A 15 -4.02 -7.82 5.33
N GLU A 16 -4.01 -6.51 5.10
CA GLU A 16 -3.73 -5.97 3.74
C GLU A 16 -2.29 -6.32 3.35
N GLU A 17 -1.32 -6.23 4.27
CA GLU A 17 0.09 -6.60 3.97
C GLU A 17 0.18 -8.11 3.68
N VAL A 18 -0.43 -8.95 4.52
CA VAL A 18 -0.41 -10.43 4.36
C VAL A 18 -0.97 -10.78 2.97
N LYS A 19 -2.15 -10.24 2.62
CA LYS A 19 -2.81 -10.47 1.32
C LYS A 19 -1.86 -10.07 0.18
N GLU A 20 -1.18 -8.93 0.28
CA GLU A 20 -0.25 -8.44 -0.78
C GLU A 20 0.96 -9.39 -0.92
N LEU A 21 1.46 -9.95 0.19
CA LEU A 21 2.57 -10.95 0.15
C LEU A 21 2.08 -12.25 -0.48
N LYS A 22 0.88 -12.69 -0.11
CA LYS A 22 0.23 -13.87 -0.74
C LYS A 22 0.11 -13.64 -2.25
N ARG A 23 -0.32 -12.44 -2.66
CA ARG A 23 -0.48 -12.03 -4.09
C ARG A 23 0.88 -12.07 -4.80
N HIS A 24 1.91 -11.57 -4.13
CA HIS A 24 3.31 -11.49 -4.65
C HIS A 24 3.87 -12.91 -4.86
N GLY A 25 3.35 -13.90 -4.15
CA GLY A 25 3.78 -15.31 -4.21
C GLY A 25 4.78 -15.61 -3.11
N ALA A 26 4.72 -14.85 -2.01
CA ALA A 26 5.63 -15.01 -0.85
C ALA A 26 5.49 -16.43 -0.32
N LYS A 27 6.63 -17.04 0.00
CA LYS A 27 6.79 -18.48 0.26
C LYS A 27 6.36 -18.78 1.71
N ILE A 28 6.88 -18.02 2.69
CA ILE A 28 6.62 -18.24 4.14
C ILE A 28 6.33 -16.89 4.80
N ILE A 29 5.05 -16.66 5.13
CA ILE A 29 4.58 -15.38 5.73
C ILE A 29 4.30 -15.65 7.21
N ALA A 30 4.72 -14.73 8.06
CA ALA A 30 4.48 -14.75 9.52
C ALA A 30 3.81 -13.44 9.92
N TYR A 31 3.14 -13.47 11.07
CA TYR A 31 2.29 -12.38 11.61
C TYR A 31 2.46 -12.37 13.13
N ILE A 32 2.71 -11.18 13.69
CA ILE A 32 2.90 -10.97 15.15
C ILE A 32 1.63 -10.33 15.73
N SER A 33 1.13 -10.91 16.81
CA SER A 33 -0.01 -10.36 17.58
C SER A 33 0.05 -10.91 19.00
N LYS A 34 -0.58 -10.22 19.94
CA LYS A 34 -0.74 -10.67 21.35
C LYS A 34 -1.91 -11.66 21.48
N SER A 35 -2.74 -11.79 20.42
CA SER A 35 -4.11 -12.38 20.44
C SER A 35 -4.22 -13.59 19.51
N ALA A 36 -4.61 -14.76 20.02
CA ALA A 36 -5.01 -15.94 19.22
C ALA A 36 -6.12 -15.58 18.22
N GLU A 37 -7.12 -14.81 18.64
CA GLU A 37 -8.29 -14.52 17.78
C GLU A 37 -7.78 -13.78 16.54
N GLU A 38 -6.89 -12.79 16.73
CA GLU A 38 -6.35 -11.97 15.60
C GLU A 38 -5.51 -12.87 14.69
N LEU A 39 -4.70 -13.76 15.29
CA LEU A 39 -3.78 -14.64 14.53
C LEU A 39 -4.58 -15.56 13.60
N LYS A 40 -5.75 -15.99 14.04
CA LYS A 40 -6.64 -16.88 13.25
C LYS A 40 -7.07 -16.18 11.94
N LYS A 41 -7.31 -14.86 11.99
CA LYS A 41 -7.65 -14.05 10.79
C LYS A 41 -6.40 -13.79 9.93
N ALA A 42 -5.20 -13.88 10.49
CA ALA A 42 -3.94 -13.79 9.71
C ALA A 42 -3.73 -15.10 8.93
N GLU A 43 -3.96 -16.26 9.56
CA GLU A 43 -3.73 -17.60 8.94
C GLU A 43 -4.62 -17.70 7.69
N LYS A 44 -5.85 -17.16 7.78
CA LYS A 44 -6.86 -17.13 6.68
C LYS A 44 -6.31 -16.34 5.49
N ALA A 45 -5.68 -15.19 5.73
CA ALA A 45 -5.19 -14.27 4.69
C ALA A 45 -3.91 -14.81 4.03
N GLY A 46 -3.25 -15.82 4.63
CA GLY A 46 -2.12 -16.53 3.99
C GLY A 46 -0.85 -16.59 4.86
N ALA A 47 -0.93 -16.27 6.16
CA ALA A 47 0.19 -16.44 7.11
C ALA A 47 0.41 -17.93 7.39
N ASP A 48 1.66 -18.40 7.29
CA ASP A 48 2.05 -19.80 7.59
C ASP A 48 2.49 -19.89 9.06
N ILE A 49 3.07 -18.81 9.61
CA ILE A 49 3.60 -18.83 11.00
C ILE A 49 2.82 -17.81 11.83
N LEU A 50 2.30 -18.23 12.96
CA LEU A 50 1.53 -17.36 13.88
C LEU A 50 2.40 -17.09 15.10
N ILE A 51 2.83 -15.83 15.24
CA ILE A 51 3.75 -15.42 16.33
C ILE A 51 2.95 -14.72 17.43
N VAL A 52 2.89 -15.35 18.61
CA VAL A 52 2.36 -14.77 19.86
C VAL A 52 3.43 -13.86 20.47
N ASN A 53 3.10 -12.57 20.59
CA ASN A 53 3.88 -11.56 21.34
C ASN A 53 3.07 -11.15 22.56
N PRO A 54 3.30 -11.80 23.72
CA PRO A 54 2.39 -11.68 24.86
C PRO A 54 2.55 -10.41 25.69
N ASP A 55 1.46 -9.92 26.30
CA ASP A 55 1.48 -8.83 27.33
C ASP A 55 2.27 -9.33 28.53
N ASP A 56 1.85 -10.45 29.12
CA ASP A 56 2.56 -11.17 30.21
C ASP A 56 2.53 -12.67 29.89
N PHE A 57 3.29 -13.46 30.66
CA PHE A 57 3.59 -14.89 30.37
C PHE A 57 2.34 -15.77 30.62
N GLU A 58 1.57 -15.46 31.66
CA GLU A 58 0.30 -16.18 31.99
C GLU A 58 -0.64 -16.08 30.79
N LYS A 59 -0.84 -14.85 30.30
CA LYS A 59 -1.74 -14.50 29.17
C LYS A 59 -1.19 -15.13 27.88
N GLY A 60 0.13 -15.02 27.66
CA GLY A 60 0.79 -15.56 26.46
C GLY A 60 0.55 -17.05 26.27
N VAL A 61 0.70 -17.85 27.33
CA VAL A 61 0.59 -19.34 27.27
C VAL A 61 -0.85 -19.75 26.92
N GLU A 62 -1.86 -18.97 27.34
CA GLU A 62 -3.30 -19.28 27.03
C GLU A 62 -3.54 -19.09 25.52
N GLU A 63 -2.93 -18.07 24.91
CA GLU A 63 -3.04 -17.78 23.45
C GLU A 63 -2.41 -18.94 22.66
N VAL A 64 -1.32 -19.54 23.18
CA VAL A 64 -0.64 -20.69 22.51
C VAL A 64 -1.54 -21.92 22.61
N LYS A 65 -2.18 -22.17 23.75
CA LYS A 65 -3.09 -23.34 23.94
C LYS A 65 -4.35 -23.17 23.07
N GLU A 66 -4.81 -21.92 22.90
CA GLU A 66 -5.97 -21.60 22.03
C GLU A 66 -5.59 -21.86 20.56
N LEU A 67 -4.38 -21.51 20.14
CA LEU A 67 -3.95 -21.76 18.74
C LEU A 67 -3.70 -23.26 18.55
N LYS A 68 -3.26 -23.95 19.61
CA LYS A 68 -3.00 -25.42 19.58
C LYS A 68 -4.34 -26.15 19.38
N ARG A 69 -5.38 -25.74 20.11
CA ARG A 69 -6.76 -26.30 19.98
C ARG A 69 -7.29 -26.03 18.58
N HIS A 70 -7.02 -24.83 18.05
CA HIS A 70 -7.49 -24.36 16.72
C HIS A 70 -6.85 -25.19 15.61
N GLY A 71 -5.66 -25.75 15.86
CA GLY A 71 -4.91 -26.58 14.89
C GLY A 71 -4.03 -25.73 13.99
N ALA A 72 -3.54 -24.59 14.49
CA ALA A 72 -2.54 -23.74 13.82
C ALA A 72 -1.34 -24.61 13.37
N LYS A 73 -0.92 -24.39 12.12
CA LYS A 73 0.17 -25.12 11.41
C LYS A 73 1.47 -24.95 12.21
N ILE A 74 1.87 -23.69 12.42
CA ILE A 74 3.19 -23.37 13.05
C ILE A 74 2.98 -22.17 13.98
N ILE A 75 3.21 -22.37 15.28
CA ILE A 75 3.06 -21.35 16.34
C ILE A 75 4.47 -20.95 16.83
N ALA A 76 4.72 -19.66 16.93
CA ALA A 76 5.96 -19.10 17.50
C ALA A 76 5.59 -18.23 18.71
N TYR A 77 6.54 -18.04 19.63
CA TYR A 77 6.37 -17.28 20.90
C TYR A 77 7.60 -16.38 21.08
N ILE A 78 7.39 -15.09 21.36
CA ILE A 78 8.50 -14.12 21.59
C ILE A 78 8.67 -13.93 23.09
N SER A 79 9.90 -14.04 23.61
CA SER A 79 10.20 -13.75 25.03
C SER A 79 11.66 -13.32 25.19
N LYS A 80 11.94 -12.59 26.29
CA LYS A 80 13.31 -12.21 26.73
C LYS A 80 13.95 -13.37 27.49
N SER A 81 13.14 -14.32 27.98
CA SER A 81 13.55 -15.34 28.97
C SER A 81 13.51 -16.74 28.35
N ALA A 82 14.56 -17.54 28.58
CA ALA A 82 14.64 -18.97 28.21
C ALA A 82 13.54 -19.73 28.96
N GLU A 83 13.35 -19.39 30.24
CA GLU A 83 12.43 -20.12 31.17
C GLU A 83 10.98 -20.04 30.66
N GLU A 84 10.53 -18.85 30.24
CA GLU A 84 9.20 -18.61 29.62
C GLU A 84 9.06 -19.42 28.33
N LEU A 85 10.11 -19.47 27.52
CA LEU A 85 10.09 -20.12 26.18
C LEU A 85 10.02 -21.65 26.35
N LYS A 86 10.66 -22.20 27.38
CA LYS A 86 10.58 -23.65 27.72
C LYS A 86 9.10 -24.03 27.94
N LYS A 87 8.36 -23.19 28.67
CA LYS A 87 6.93 -23.41 29.05
C LYS A 87 6.03 -23.09 27.85
N ALA A 88 6.41 -22.12 27.02
CA ALA A 88 5.75 -21.82 25.73
C ALA A 88 5.80 -23.05 24.83
N GLU A 89 6.95 -23.73 24.75
CA GLU A 89 7.16 -24.97 23.96
C GLU A 89 6.17 -26.03 24.44
N LYS A 90 6.08 -26.22 25.76
CA LYS A 90 5.17 -27.20 26.42
C LYS A 90 3.77 -27.10 25.80
N ALA A 91 3.18 -25.88 25.78
CA ALA A 91 1.81 -25.61 25.31
C ALA A 91 1.72 -25.76 23.78
N GLY A 92 2.85 -25.90 23.10
CA GLY A 92 2.93 -26.35 21.69
C GLY A 92 3.51 -25.31 20.74
N ALA A 93 4.25 -24.32 21.25
CA ALA A 93 5.05 -23.39 20.41
C ALA A 93 6.09 -24.20 19.63
N ASP A 94 6.09 -24.11 18.31
CA ASP A 94 7.06 -24.82 17.43
C ASP A 94 8.37 -24.02 17.42
N ILE A 95 8.32 -22.69 17.44
CA ILE A 95 9.50 -21.80 17.29
C ILE A 95 9.59 -20.93 18.55
N LEU A 96 10.73 -21.00 19.25
CA LEU A 96 11.03 -20.18 20.46
C LEU A 96 11.93 -18.99 20.06
N ILE A 97 11.41 -17.77 20.19
CA ILE A 97 12.06 -16.51 19.69
C ILE A 97 12.59 -15.71 20.88
N VAL A 98 13.91 -15.55 20.92
CA VAL A 98 14.61 -14.73 21.94
C VAL A 98 14.59 -13.28 21.43
N ASN A 99 13.95 -12.39 22.18
CA ASN A 99 13.94 -10.93 21.92
C ASN A 99 14.61 -10.28 23.12
N PRO A 100 15.95 -10.15 23.09
CA PRO A 100 16.72 -9.76 24.28
C PRO A 100 16.76 -8.26 24.56
N ASP A 101 16.89 -7.89 25.84
CA ASP A 101 17.15 -6.51 26.32
C ASP A 101 18.60 -6.13 25.97
N ASP A 102 19.50 -7.12 26.06
CA ASP A 102 20.99 -6.98 26.08
C ASP A 102 21.57 -8.10 25.20
N PHE A 103 22.54 -7.80 24.34
CA PHE A 103 23.21 -8.80 23.47
C PHE A 103 23.80 -9.93 24.33
N GLU A 104 24.60 -9.57 25.33
CA GLU A 104 25.35 -10.52 26.20
C GLU A 104 24.33 -11.48 26.84
N LYS A 105 23.21 -10.93 27.34
CA LYS A 105 22.11 -11.68 28.00
C LYS A 105 21.39 -12.56 26.96
N GLY A 106 21.07 -11.99 25.80
CA GLY A 106 20.41 -12.71 24.69
C GLY A 106 21.14 -14.01 24.37
N VAL A 107 22.44 -13.94 24.13
CA VAL A 107 23.27 -15.11 23.71
C VAL A 107 23.21 -16.20 24.80
N GLU A 108 23.17 -15.80 26.08
CA GLU A 108 23.09 -16.75 27.23
C GLU A 108 21.72 -17.43 27.24
N GLU A 109 20.66 -16.69 26.89
CA GLU A 109 19.30 -17.24 26.73
C GLU A 109 19.35 -18.33 25.65
N VAL A 110 20.01 -18.06 24.53
CA VAL A 110 20.18 -19.00 23.39
C VAL A 110 20.93 -20.25 23.86
N LYS A 111 22.06 -20.09 24.55
CA LYS A 111 22.86 -21.24 25.08
C LYS A 111 21.99 -22.10 26.00
N GLU A 112 21.18 -21.46 26.85
CA GLU A 112 20.33 -22.15 27.86
C GLU A 112 19.29 -23.02 27.15
N LEU A 113 18.60 -22.45 26.15
CA LEU A 113 17.62 -23.18 25.27
C LEU A 113 18.31 -24.34 24.55
N LYS A 114 19.54 -24.12 24.07
CA LYS A 114 20.35 -25.13 23.31
C LYS A 114 20.66 -26.33 24.24
N ARG A 115 21.03 -26.06 25.50
CA ARG A 115 21.24 -27.09 26.55
C ARG A 115 19.97 -27.93 26.73
N HIS A 116 18.83 -27.26 26.95
CA HIS A 116 17.50 -27.87 27.20
C HIS A 116 17.00 -28.64 25.97
N GLY A 117 17.61 -28.43 24.80
CA GLY A 117 17.24 -29.12 23.54
C GLY A 117 15.90 -28.63 23.00
N ALA A 118 15.69 -27.30 23.02
CA ALA A 118 14.48 -26.62 22.50
C ALA A 118 14.33 -26.90 20.99
N LYS A 119 13.09 -27.16 20.56
CA LYS A 119 12.73 -27.57 19.18
C LYS A 119 13.42 -26.66 18.15
N ILE A 120 12.95 -25.40 18.02
CA ILE A 120 13.50 -24.45 17.01
C ILE A 120 13.73 -23.11 17.72
N ILE A 121 14.98 -22.64 17.68
CA ILE A 121 15.40 -21.38 18.37
C ILE A 121 15.55 -20.28 17.33
N ALA A 122 15.02 -19.10 17.64
CA ALA A 122 15.14 -17.91 16.78
C ALA A 122 15.66 -16.76 17.64
N TYR A 123 16.31 -15.80 17.00
CA TYR A 123 16.95 -14.63 17.67
C TYR A 123 16.65 -13.39 16.83
N ILE A 124 16.17 -12.34 17.48
CA ILE A 124 15.86 -11.03 16.85
C ILE A 124 17.01 -10.08 17.15
N SER A 125 17.57 -9.44 16.12
CA SER A 125 18.55 -8.33 16.26
C SER A 125 18.52 -7.42 15.03
N LYS A 126 18.95 -6.17 15.21
CA LYS A 126 19.18 -5.21 14.08
C LYS A 126 20.48 -5.59 13.35
N SER A 127 21.38 -6.35 13.99
CA SER A 127 22.79 -6.52 13.54
C SER A 127 23.09 -7.93 13.02
N ALA A 128 23.54 -8.04 11.77
CA ALA A 128 24.06 -9.30 11.17
C ALA A 128 25.16 -9.87 12.06
N GLU A 129 26.01 -9.02 12.66
CA GLU A 129 27.18 -9.47 13.49
C GLU A 129 26.68 -10.17 14.76
N GLU A 130 25.69 -9.56 15.43
CA GLU A 130 25.03 -10.16 16.62
C GLU A 130 24.36 -11.48 16.23
N LEU A 131 23.72 -11.53 15.06
CA LEU A 131 22.96 -12.74 14.63
C LEU A 131 23.94 -13.86 14.30
N LYS A 132 25.13 -13.54 13.77
CA LYS A 132 26.21 -14.55 13.52
C LYS A 132 26.55 -15.26 14.83
N LYS A 133 26.69 -14.49 15.91
CA LYS A 133 27.07 -14.99 17.27
C LYS A 133 25.89 -15.77 17.88
N ALA A 134 24.64 -15.31 17.70
CA ALA A 134 23.44 -16.06 18.15
C ALA A 134 23.43 -17.44 17.47
N GLU A 135 23.74 -17.46 16.16
CA GLU A 135 23.77 -18.70 15.33
C GLU A 135 24.82 -19.64 15.92
N LYS A 136 26.02 -19.14 16.18
CA LYS A 136 27.11 -19.93 16.80
C LYS A 136 26.58 -20.61 18.07
N ALA A 137 25.80 -19.88 18.88
CA ALA A 137 25.34 -20.33 20.21
C ALA A 137 24.15 -21.30 20.08
N GLY A 138 23.56 -21.41 18.88
CA GLY A 138 22.58 -22.46 18.54
C GLY A 138 21.25 -21.95 18.01
N ALA A 139 21.13 -20.66 17.64
CA ALA A 139 19.90 -20.14 16.96
C ALA A 139 19.82 -20.73 15.54
N ASP A 140 18.65 -21.29 15.15
CA ASP A 140 18.41 -21.82 13.78
C ASP A 140 17.92 -20.69 12.87
N ILE A 141 17.05 -19.81 13.39
CA ILE A 141 16.39 -18.74 12.61
C ILE A 141 16.95 -17.38 13.05
N LEU A 142 17.52 -16.65 12.10
CA LEU A 142 18.11 -15.32 12.36
C LEU A 142 17.13 -14.26 11.86
N ILE A 143 16.54 -13.53 12.80
CA ILE A 143 15.50 -12.52 12.47
C ILE A 143 16.10 -11.12 12.49
N VAL A 144 16.17 -10.48 11.32
CA VAL A 144 16.60 -9.07 11.13
C VAL A 144 15.44 -8.16 11.51
N ASN A 145 15.64 -7.32 12.53
CA ASN A 145 14.66 -6.29 12.95
C ASN A 145 15.33 -4.93 12.84
N PRO A 146 15.26 -4.27 11.67
CA PRO A 146 16.10 -3.09 11.39
C PRO A 146 15.62 -1.79 12.05
N ASP A 147 16.51 -0.80 12.12
CA ASP A 147 16.18 0.61 12.48
C ASP A 147 15.74 1.38 11.22
N ASP A 148 16.14 0.91 10.02
CA ASP A 148 15.72 1.52 8.72
C ASP A 148 15.91 0.48 7.59
N PHE A 149 15.19 0.68 6.47
CA PHE A 149 15.00 -0.28 5.35
C PHE A 149 16.34 -0.58 4.65
N GLU A 150 16.96 0.44 4.06
CA GLU A 150 18.21 0.26 3.26
C GLU A 150 19.24 -0.49 4.12
N LYS A 151 19.32 -0.16 5.42
CA LYS A 151 20.25 -0.81 6.40
C LYS A 151 19.79 -2.24 6.68
N GLY A 152 18.49 -2.45 6.89
CA GLY A 152 17.95 -3.81 7.12
C GLY A 152 18.36 -4.75 6.00
N VAL A 153 18.21 -4.34 4.74
CA VAL A 153 18.36 -5.24 3.56
C VAL A 153 19.83 -5.63 3.40
N GLU A 154 20.78 -4.75 3.76
CA GLU A 154 22.23 -5.08 3.70
C GLU A 154 22.54 -6.17 4.73
N GLU A 155 21.94 -6.09 5.93
CA GLU A 155 22.14 -7.09 7.02
C GLU A 155 21.68 -8.46 6.53
N VAL A 156 20.60 -8.50 5.75
CA VAL A 156 20.08 -9.77 5.14
C VAL A 156 21.12 -10.31 4.15
N LYS A 157 21.63 -9.46 3.25
CA LYS A 157 22.65 -9.80 2.23
C LYS A 157 23.92 -10.35 2.92
N GLU A 158 24.30 -9.77 4.07
CA GLU A 158 25.48 -10.24 4.85
C GLU A 158 25.18 -11.62 5.45
N LEU A 159 23.98 -11.83 6.04
CA LEU A 159 23.63 -13.17 6.60
C LEU A 159 23.56 -14.22 5.47
N LYS A 160 23.14 -13.84 4.26
CA LYS A 160 23.13 -14.74 3.08
C LYS A 160 24.57 -15.14 2.73
N ARG A 161 25.47 -14.17 2.59
CA ARG A 161 26.91 -14.44 2.29
C ARG A 161 27.48 -15.40 3.36
N HIS A 162 27.24 -15.10 4.64
CA HIS A 162 27.68 -15.89 5.82
C HIS A 162 27.19 -17.35 5.74
N GLY A 163 26.04 -17.58 5.12
CA GLY A 163 25.40 -18.92 5.11
C GLY A 163 24.59 -19.13 6.38
N ALA A 164 23.38 -18.60 6.40
CA ALA A 164 22.39 -18.83 7.50
C ALA A 164 21.44 -19.94 7.07
N LYS A 165 21.07 -20.80 8.01
CA LYS A 165 20.04 -21.86 7.83
C LYS A 165 18.75 -21.20 7.34
N ILE A 166 18.24 -20.23 8.10
CA ILE A 166 16.94 -19.54 7.82
C ILE A 166 17.07 -18.09 8.26
N ILE A 167 16.87 -17.17 7.32
CA ILE A 167 16.80 -15.70 7.57
C ILE A 167 15.33 -15.27 7.56
N ALA A 168 14.91 -14.51 8.58
CA ALA A 168 13.61 -13.80 8.66
C ALA A 168 13.85 -12.29 8.72
N TYR A 169 12.83 -11.50 8.37
CA TYR A 169 12.82 -10.02 8.40
C TYR A 169 11.47 -9.54 8.94
N ILE A 170 11.48 -8.59 9.86
CA ILE A 170 10.27 -7.95 10.43
C ILE A 170 10.08 -6.58 9.76
N SER A 171 8.90 -6.37 9.15
CA SER A 171 8.48 -5.05 8.63
C SER A 171 6.96 -4.86 8.79
N LYS A 172 6.54 -3.60 8.75
CA LYS A 172 5.12 -3.17 8.71
C LYS A 172 4.62 -3.21 7.28
N SER A 173 5.54 -3.36 6.31
CA SER A 173 5.35 -3.01 4.89
C SER A 173 5.64 -4.24 4.02
N ALA A 174 4.68 -4.68 3.21
CA ALA A 174 4.88 -5.79 2.24
C ALA A 174 5.96 -5.36 1.23
N GLU A 175 5.99 -4.08 0.85
CA GLU A 175 6.99 -3.52 -0.10
C GLU A 175 8.40 -3.82 0.43
N GLU A 176 8.65 -3.53 1.70
CA GLU A 176 9.98 -3.78 2.35
C GLU A 176 10.26 -5.29 2.37
N LEU A 177 9.27 -6.09 2.75
CA LEU A 177 9.42 -7.56 2.87
C LEU A 177 9.71 -8.17 1.49
N LYS A 178 9.16 -7.63 0.40
CA LYS A 178 9.42 -8.15 -0.97
C LYS A 178 10.91 -8.03 -1.29
N LYS A 179 11.52 -6.89 -0.95
CA LYS A 179 12.97 -6.62 -1.22
C LYS A 179 13.84 -7.50 -0.31
N ALA A 180 13.44 -7.71 0.95
CA ALA A 180 14.15 -8.58 1.92
C ALA A 180 14.18 -10.02 1.38
N GLU A 181 13.05 -10.51 0.83
CA GLU A 181 12.98 -11.84 0.15
C GLU A 181 13.98 -11.86 -1.01
N LYS A 182 13.97 -10.82 -1.86
CA LYS A 182 14.93 -10.68 -2.98
C LYS A 182 16.36 -10.82 -2.44
N ALA A 183 16.64 -10.25 -1.26
CA ALA A 183 17.99 -10.24 -0.64
C ALA A 183 18.34 -11.59 -0.01
N GLY A 184 17.37 -12.47 0.24
CA GLY A 184 17.61 -13.81 0.83
C GLY A 184 16.75 -14.08 2.06
N MET B 1 -14.89 -2.15 -14.29
CA MET B 1 -13.55 -1.48 -14.25
C MET B 1 -13.64 -0.22 -13.38
N ASP B 2 -12.66 -0.02 -12.49
CA ASP B 2 -12.57 1.16 -11.60
C ASP B 2 -11.25 1.89 -11.86
N ILE B 3 -11.32 3.20 -12.06
CA ILE B 3 -10.14 4.09 -12.24
C ILE B 3 -10.05 5.03 -11.03
N LEU B 4 -8.92 5.01 -10.32
CA LEU B 4 -8.64 5.86 -9.14
C LEU B 4 -7.80 7.06 -9.60
N ILE B 5 -8.36 8.27 -9.50
CA ILE B 5 -7.78 9.52 -10.07
C ILE B 5 -7.25 10.37 -8.92
N VAL B 6 -5.93 10.54 -8.87
CA VAL B 6 -5.26 11.44 -7.90
C VAL B 6 -5.36 12.87 -8.43
N ASN B 7 -5.98 13.75 -7.65
CA ASN B 7 -6.13 15.20 -7.93
C ASN B 7 -5.47 15.94 -6.77
N PRO B 8 -4.14 16.14 -6.82
CA PRO B 8 -3.35 16.59 -5.67
C PRO B 8 -3.34 18.11 -5.44
N ASP B 9 -3.11 18.53 -4.19
CA ASP B 9 -2.98 19.96 -3.82
C ASP B 9 -1.59 20.47 -4.22
N ASP B 10 -0.57 19.60 -4.17
CA ASP B 10 0.80 19.94 -4.61
C ASP B 10 1.46 18.68 -5.20
N PHE B 11 2.54 18.88 -5.97
CA PHE B 11 3.21 17.85 -6.80
C PHE B 11 3.85 16.77 -5.92
N GLU B 12 4.72 17.16 -4.99
CA GLU B 12 5.49 16.21 -4.11
C GLU B 12 4.49 15.29 -3.40
N LYS B 13 3.41 15.86 -2.85
CA LYS B 13 2.39 15.09 -2.09
C LYS B 13 1.70 14.12 -3.06
N GLY B 14 1.37 14.59 -4.26
CA GLY B 14 0.61 13.83 -5.29
C GLY B 14 1.33 12.55 -5.70
N VAL B 15 2.65 12.64 -5.96
CA VAL B 15 3.49 11.49 -6.39
C VAL B 15 3.56 10.44 -5.29
N GLU B 16 3.48 10.84 -4.01
CA GLU B 16 3.44 9.89 -2.86
C GLU B 16 2.09 9.14 -2.83
N GLU B 17 1.02 9.81 -3.22
CA GLU B 17 -0.32 9.17 -3.28
C GLU B 17 -0.31 8.11 -4.38
N VAL B 18 0.31 8.40 -5.53
CA VAL B 18 0.47 7.42 -6.65
C VAL B 18 1.28 6.22 -6.14
N LYS B 19 2.43 6.46 -5.50
CA LYS B 19 3.30 5.40 -4.94
C LYS B 19 2.49 4.57 -3.94
N GLU B 20 1.68 5.20 -3.09
CA GLU B 20 0.87 4.49 -2.06
C GLU B 20 -0.11 3.54 -2.77
N LEU B 21 -0.84 4.03 -3.79
CA LEU B 21 -1.83 3.20 -4.55
C LEU B 21 -1.11 2.01 -5.22
N LYS B 22 0.10 2.23 -5.73
CA LYS B 22 0.89 1.23 -6.50
C LYS B 22 1.29 0.04 -5.62
N ARG B 23 1.39 0.21 -4.29
CA ARG B 23 1.93 -0.82 -3.35
C ARG B 23 0.98 -2.02 -3.19
N HIS B 24 -0.31 -1.82 -3.39
CA HIS B 24 -1.33 -2.87 -3.10
C HIS B 24 -2.06 -3.22 -4.38
N GLY B 25 -2.13 -4.52 -4.70
CA GLY B 25 -2.89 -5.05 -5.85
C GLY B 25 -2.39 -4.46 -7.16
N ALA B 26 -3.32 -4.29 -8.12
CA ALA B 26 -3.05 -3.76 -9.48
C ALA B 26 -4.19 -2.82 -9.88
N LYS B 27 -4.22 -1.62 -9.28
CA LYS B 27 -5.24 -0.57 -9.51
C LYS B 27 -4.90 0.14 -10.82
N ILE B 28 -5.92 0.66 -11.51
CA ILE B 28 -5.76 1.59 -12.67
C ILE B 28 -5.70 2.99 -12.06
N ILE B 29 -4.52 3.60 -12.11
CA ILE B 29 -4.24 4.88 -11.41
C ILE B 29 -4.10 5.96 -12.47
N ALA B 30 -4.78 7.08 -12.24
CA ALA B 30 -4.66 8.27 -13.09
C ALA B 30 -4.18 9.41 -12.20
N TYR B 31 -3.65 10.45 -12.83
CA TYR B 31 -3.03 11.64 -12.17
C TYR B 31 -3.41 12.87 -12.99
N ILE B 32 -3.89 13.91 -12.33
CA ILE B 32 -4.30 15.20 -12.97
C ILE B 32 -3.23 16.25 -12.67
N SER B 33 -2.69 16.85 -13.72
CA SER B 33 -1.75 18.00 -13.60
C SER B 33 -1.85 18.88 -14.84
N LYS B 34 -1.41 20.13 -14.70
CA LYS B 34 -1.27 21.07 -15.83
C LYS B 34 0.06 20.80 -16.55
N SER B 35 0.94 19.97 -15.96
CA SER B 35 2.39 19.86 -16.31
C SER B 35 2.74 18.49 -16.92
N ALA B 36 3.34 18.48 -18.11
CA ALA B 36 3.89 17.28 -18.77
C ALA B 36 5.00 16.69 -17.91
N GLU B 37 5.92 17.53 -17.39
CA GLU B 37 7.08 17.08 -16.56
C GLU B 37 6.57 16.36 -15.31
N GLU B 38 5.52 16.91 -14.65
CA GLU B 38 4.92 16.30 -13.43
C GLU B 38 4.24 14.96 -13.78
N LEU B 39 3.56 14.92 -14.92
CA LEU B 39 2.84 13.68 -15.35
C LEU B 39 3.88 12.60 -15.74
N LYS B 40 5.05 13.01 -16.29
CA LYS B 40 6.16 12.07 -16.58
C LYS B 40 6.57 11.37 -15.28
N LYS B 41 6.62 12.14 -14.18
CA LYS B 41 7.05 11.64 -12.85
C LYS B 41 5.91 10.82 -12.19
N ALA B 42 4.66 11.23 -12.35
CA ALA B 42 3.51 10.41 -11.91
C ALA B 42 3.56 9.05 -12.63
N GLU B 43 3.87 9.04 -13.94
CA GLU B 43 4.01 7.79 -14.73
C GLU B 43 5.06 6.88 -14.08
N LYS B 44 6.26 7.42 -13.77
CA LYS B 44 7.37 6.62 -13.19
C LYS B 44 6.84 5.99 -11.88
N ALA B 45 6.07 6.78 -11.11
CA ALA B 45 5.57 6.40 -9.77
C ALA B 45 4.46 5.34 -9.89
N GLY B 46 3.90 5.16 -11.08
CA GLY B 46 2.94 4.05 -11.33
C GLY B 46 1.60 4.47 -11.92
N ALA B 47 1.41 5.75 -12.26
CA ALA B 47 0.17 6.25 -12.91
C ALA B 47 0.05 5.62 -14.31
N ASP B 48 -1.09 5.00 -14.64
CA ASP B 48 -1.37 4.40 -15.97
C ASP B 48 -1.94 5.47 -16.92
N ILE B 49 -2.73 6.39 -16.37
CA ILE B 49 -3.42 7.45 -17.15
C ILE B 49 -2.91 8.83 -16.71
N LEU B 50 -2.42 9.60 -17.68
CA LEU B 50 -1.87 10.96 -17.46
C LEU B 50 -2.87 12.00 -17.98
N ILE B 51 -3.54 12.68 -17.06
CA ILE B 51 -4.67 13.62 -17.39
C ILE B 51 -4.12 15.06 -17.37
N VAL B 52 -4.09 15.71 -18.53
CA VAL B 52 -3.72 17.14 -18.68
C VAL B 52 -4.95 17.99 -18.34
N ASN B 53 -4.82 18.83 -17.30
CA ASN B 53 -5.84 19.80 -16.88
C ASN B 53 -5.22 21.19 -16.95
N PRO B 54 -5.36 21.91 -18.09
CA PRO B 54 -4.62 23.14 -18.29
C PRO B 54 -5.32 24.39 -17.75
N ASP B 55 -4.55 25.44 -17.46
CA ASP B 55 -5.06 26.81 -17.16
C ASP B 55 -5.53 27.46 -18.46
N ASP B 56 -4.94 27.05 -19.59
CA ASP B 56 -5.10 27.69 -20.91
C ASP B 56 -5.03 26.63 -22.01
N PHE B 57 -5.95 26.69 -22.97
CA PHE B 57 -6.07 25.78 -24.14
C PHE B 57 -4.70 25.61 -24.80
N GLU B 58 -4.03 26.73 -25.08
CA GLU B 58 -2.81 26.79 -25.92
C GLU B 58 -1.68 26.07 -25.17
N LYS B 59 -1.52 26.39 -23.88
CA LYS B 59 -0.59 25.69 -22.96
C LYS B 59 -0.91 24.19 -22.96
N GLY B 60 -2.19 23.85 -22.82
CA GLY B 60 -2.70 22.47 -22.67
C GLY B 60 -2.28 21.55 -23.79
N VAL B 61 -2.51 21.95 -25.05
CA VAL B 61 -2.29 21.10 -26.25
C VAL B 61 -0.80 20.82 -26.41
N GLU B 62 0.06 21.75 -25.99
CA GLU B 62 1.55 21.57 -26.03
C GLU B 62 1.96 20.49 -25.02
N GLU B 63 1.29 20.42 -23.87
CA GLU B 63 1.61 19.45 -22.78
C GLU B 63 1.26 18.04 -23.25
N VAL B 64 0.18 17.94 -24.04
CA VAL B 64 -0.26 16.68 -24.72
C VAL B 64 0.79 16.26 -25.75
N LYS B 65 1.20 17.19 -26.62
CA LYS B 65 2.19 16.94 -27.70
C LYS B 65 3.47 16.38 -27.06
N GLU B 66 3.86 16.92 -25.91
CA GLU B 66 5.05 16.49 -25.13
C GLU B 66 4.86 15.02 -24.68
N LEU B 67 3.75 14.71 -24.03
CA LEU B 67 3.50 13.35 -23.49
C LEU B 67 3.42 12.34 -24.64
N LYS B 68 3.02 12.78 -25.83
CA LYS B 68 2.94 11.92 -27.05
C LYS B 68 4.35 11.59 -27.53
N ARG B 69 5.22 12.60 -27.61
CA ARG B 69 6.67 12.42 -27.93
C ARG B 69 7.27 11.45 -26.90
N HIS B 70 6.94 11.62 -25.62
CA HIS B 70 7.40 10.79 -24.47
C HIS B 70 6.91 9.35 -24.61
N GLY B 71 5.81 9.14 -25.36
CA GLY B 71 5.17 7.82 -25.57
C GLY B 71 4.35 7.38 -24.38
N ALA B 72 3.73 8.32 -23.65
CA ALA B 72 2.87 8.06 -22.47
C ALA B 72 1.87 6.96 -22.83
N LYS B 73 1.66 6.01 -21.91
CA LYS B 73 0.76 4.83 -22.06
C LYS B 73 -0.63 5.30 -22.53
N ILE B 74 -1.27 6.17 -21.73
CA ILE B 74 -2.65 6.68 -21.99
C ILE B 74 -2.69 8.17 -21.59
N ILE B 75 -3.01 9.04 -22.55
CA ILE B 75 -3.11 10.51 -22.34
C ILE B 75 -4.58 10.90 -22.32
N ALA B 76 -4.99 11.69 -21.34
CA ALA B 76 -6.34 12.27 -21.21
C ALA B 76 -6.20 13.80 -21.16
N TYR B 77 -7.27 14.52 -21.52
CA TYR B 77 -7.38 15.99 -21.52
C TYR B 77 -8.74 16.38 -20.92
N ILE B 78 -8.76 17.38 -20.03
CA ILE B 78 -10.02 17.89 -19.42
C ILE B 78 -10.39 19.21 -20.11
N SER B 79 -11.61 19.33 -20.62
CA SER B 79 -12.16 20.63 -21.08
C SER B 79 -13.69 20.63 -21.03
N LYS B 80 -14.25 21.83 -21.06
CA LYS B 80 -15.69 22.18 -21.22
C LYS B 80 -16.13 22.01 -22.68
N SER B 81 -15.18 21.92 -23.62
CA SER B 81 -15.38 22.19 -25.06
C SER B 81 -15.03 20.97 -25.92
N ALA B 82 -15.99 20.48 -26.70
CA ALA B 82 -15.79 19.50 -27.78
C ALA B 82 -14.68 19.97 -28.73
N GLU B 83 -14.74 21.22 -29.22
CA GLU B 83 -13.80 21.75 -30.25
C GLU B 83 -12.36 21.70 -29.70
N GLU B 84 -12.17 22.02 -28.42
CA GLU B 84 -10.87 21.89 -27.72
C GLU B 84 -10.46 20.41 -27.66
N LEU B 85 -11.37 19.54 -27.25
CA LEU B 85 -11.08 18.10 -27.04
C LEU B 85 -10.75 17.40 -28.37
N LYS B 86 -11.34 17.82 -29.49
CA LYS B 86 -11.00 17.32 -30.85
C LYS B 86 -9.53 17.64 -31.17
N LYS B 87 -9.10 18.87 -30.90
CA LYS B 87 -7.71 19.33 -31.17
C LYS B 87 -6.74 18.59 -30.23
N ALA B 88 -7.13 18.32 -28.98
CA ALA B 88 -6.35 17.51 -28.01
C ALA B 88 -6.19 16.08 -28.51
N GLU B 89 -7.27 15.52 -29.07
CA GLU B 89 -7.25 14.16 -29.69
C GLU B 89 -6.17 14.13 -30.78
N LYS B 90 -6.15 15.13 -31.66
CA LYS B 90 -5.21 15.19 -32.81
C LYS B 90 -3.77 15.28 -32.28
N ALA B 91 -3.56 15.93 -31.13
CA ALA B 91 -2.24 16.09 -30.49
C ALA B 91 -1.77 14.77 -29.87
N GLY B 92 -2.68 13.80 -29.66
CA GLY B 92 -2.34 12.44 -29.19
C GLY B 92 -3.08 12.05 -27.92
N ALA B 93 -4.09 12.82 -27.50
CA ALA B 93 -4.96 12.46 -26.36
C ALA B 93 -5.79 11.23 -26.73
N ASP B 94 -5.83 10.23 -25.85
CA ASP B 94 -6.57 8.95 -26.01
C ASP B 94 -7.97 9.08 -25.40
N ILE B 95 -8.09 9.73 -24.23
CA ILE B 95 -9.36 9.93 -23.48
C ILE B 95 -9.72 11.42 -23.42
N LEU B 96 -10.87 11.80 -24.00
CA LEU B 96 -11.36 13.19 -24.05
C LEU B 96 -12.36 13.39 -22.92
N ILE B 97 -11.99 14.16 -21.88
CA ILE B 97 -12.79 14.28 -20.63
C ILE B 97 -13.56 15.61 -20.67
N VAL B 98 -14.89 15.49 -20.81
CA VAL B 98 -15.80 16.66 -20.73
C VAL B 98 -16.02 17.00 -19.26
N ASN B 99 -15.79 18.26 -18.91
CA ASN B 99 -15.95 18.80 -17.55
C ASN B 99 -16.75 20.08 -17.66
N PRO B 100 -18.09 20.03 -17.47
CA PRO B 100 -18.93 21.23 -17.58
C PRO B 100 -18.62 22.24 -16.46
N ASP B 101 -18.81 23.53 -16.72
CA ASP B 101 -18.68 24.58 -15.68
C ASP B 101 -19.92 24.48 -14.78
N ASP B 102 -20.83 25.44 -14.84
CA ASP B 102 -22.14 25.35 -14.12
C ASP B 102 -23.30 25.64 -15.08
N PHE B 103 -23.03 26.22 -16.26
CA PHE B 103 -24.05 26.70 -17.23
C PHE B 103 -23.68 26.26 -18.65
N GLY B 106 -23.16 20.48 -21.13
CA GLY B 106 -22.09 19.48 -21.06
C GLY B 106 -22.38 18.25 -21.92
N VAL B 107 -23.58 17.68 -21.79
CA VAL B 107 -24.04 16.44 -22.50
C VAL B 107 -24.06 16.67 -24.02
N GLU B 108 -24.36 17.88 -24.48
CA GLU B 108 -24.25 18.27 -25.92
C GLU B 108 -22.80 18.10 -26.41
N GLU B 109 -21.80 18.44 -25.59
CA GLU B 109 -20.35 18.32 -25.97
C GLU B 109 -20.02 16.84 -26.25
N VAL B 110 -20.54 15.92 -25.43
CA VAL B 110 -20.42 14.44 -25.60
C VAL B 110 -21.08 14.02 -26.92
N LYS B 111 -22.27 14.55 -27.23
CA LYS B 111 -22.97 14.18 -28.49
C LYS B 111 -22.10 14.61 -29.68
N GLU B 112 -21.47 15.78 -29.60
CA GLU B 112 -20.58 16.31 -30.67
C GLU B 112 -19.37 15.37 -30.83
N LEU B 113 -18.77 14.92 -29.72
CA LEU B 113 -17.57 14.05 -29.74
C LEU B 113 -17.96 12.68 -30.33
N LYS B 114 -19.17 12.20 -30.06
CA LYS B 114 -19.61 10.86 -30.53
C LYS B 114 -19.70 10.87 -32.06
N ARG B 115 -20.29 11.92 -32.65
CA ARG B 115 -20.41 12.06 -34.13
C ARG B 115 -19.01 12.11 -34.75
N HIS B 116 -18.11 12.90 -34.15
CA HIS B 116 -16.73 13.13 -34.65
C HIS B 116 -15.96 11.80 -34.66
N GLY B 117 -16.34 10.85 -33.82
CA GLY B 117 -15.68 9.53 -33.74
C GLY B 117 -14.54 9.56 -32.74
N ALA B 118 -14.72 10.25 -31.61
CA ALA B 118 -13.69 10.36 -30.56
C ALA B 118 -13.37 8.96 -30.04
N LYS B 119 -12.09 8.61 -29.95
CA LYS B 119 -11.62 7.30 -29.43
C LYS B 119 -12.46 6.95 -28.18
N ILE B 120 -12.25 7.66 -27.06
CA ILE B 120 -12.78 7.33 -25.70
C ILE B 120 -13.22 8.63 -25.02
N ILE B 121 -14.51 8.74 -24.67
CA ILE B 121 -15.13 9.97 -24.10
C ILE B 121 -15.37 9.73 -22.61
N ALA B 122 -15.07 10.72 -21.77
CA ALA B 122 -15.30 10.67 -20.31
C ALA B 122 -16.08 11.92 -19.93
N TYR B 123 -16.69 11.90 -18.75
CA TYR B 123 -17.55 12.97 -18.22
C TYR B 123 -17.29 13.05 -16.73
N ILE B 124 -17.16 14.28 -16.21
CA ILE B 124 -16.97 14.58 -14.76
C ILE B 124 -18.25 15.25 -14.24
N SER B 125 -18.79 14.76 -13.12
CA SER B 125 -19.93 15.36 -12.39
C SER B 125 -19.97 14.82 -10.96
N LYS B 126 -20.66 15.53 -10.06
CA LYS B 126 -20.92 15.08 -8.67
C LYS B 126 -22.15 14.15 -8.64
N SER B 127 -22.91 14.06 -9.74
CA SER B 127 -24.26 13.45 -9.80
C SER B 127 -24.27 12.18 -10.66
N ALA B 128 -24.71 11.05 -10.09
CA ALA B 128 -25.04 9.81 -10.83
C ALA B 128 -26.03 10.15 -11.96
N GLU B 129 -27.01 11.03 -11.69
CA GLU B 129 -28.09 11.35 -12.65
C GLU B 129 -27.49 11.91 -13.95
N GLU B 130 -26.58 12.89 -13.81
CA GLU B 130 -25.95 13.59 -14.97
C GLU B 130 -25.05 12.60 -15.71
N LEU B 131 -24.37 11.71 -14.98
CA LEU B 131 -23.42 10.72 -15.57
C LEU B 131 -24.18 9.68 -16.41
N LYS B 132 -25.38 9.28 -15.99
CA LYS B 132 -26.25 8.36 -16.76
C LYS B 132 -26.64 9.01 -18.10
N LYS B 133 -26.89 10.32 -18.11
CA LYS B 133 -27.25 11.08 -19.34
C LYS B 133 -26.02 11.16 -20.25
N ALA B 134 -24.84 11.38 -19.69
CA ALA B 134 -23.56 11.41 -20.44
C ALA B 134 -23.33 10.05 -21.10
N GLU B 135 -23.57 8.96 -20.35
CA GLU B 135 -23.42 7.56 -20.84
C GLU B 135 -24.33 7.35 -22.07
N LYS B 136 -25.63 7.64 -21.92
CA LYS B 136 -26.62 7.51 -23.03
C LYS B 136 -26.11 8.29 -24.25
N ALA B 137 -25.48 9.45 -24.05
CA ALA B 137 -25.02 10.36 -25.13
C ALA B 137 -23.72 9.84 -25.76
N GLY B 138 -23.06 8.87 -25.12
CA GLY B 138 -21.91 8.14 -25.70
C GLY B 138 -20.64 8.21 -24.86
N ALA B 139 -20.73 8.63 -23.59
CA ALA B 139 -19.57 8.64 -22.65
C ALA B 139 -19.26 7.20 -22.23
N ASP B 140 -17.99 6.81 -22.35
CA ASP B 140 -17.48 5.45 -22.03
C ASP B 140 -17.03 5.40 -20.56
N ILE B 141 -16.52 6.51 -20.03
CA ILE B 141 -16.01 6.62 -18.64
C ILE B 141 -16.80 7.67 -17.87
N LEU B 142 -17.37 7.26 -16.74
CA LEU B 142 -18.18 8.12 -15.85
C LEU B 142 -17.34 8.42 -14.62
N ILE B 143 -16.94 9.69 -14.46
CA ILE B 143 -16.03 10.16 -13.39
C ILE B 143 -16.84 10.91 -12.32
N VAL B 144 -16.87 10.36 -11.11
CA VAL B 144 -17.51 10.97 -9.92
C VAL B 144 -16.52 11.95 -9.30
N ASN B 145 -16.91 13.22 -9.25
CA ASN B 145 -16.17 14.30 -8.56
C ASN B 145 -17.00 14.75 -7.37
N PRO B 146 -16.81 14.14 -6.18
CA PRO B 146 -17.73 14.33 -5.06
C PRO B 146 -17.41 15.59 -4.23
N ASP B 147 -18.43 16.18 -3.60
CA ASP B 147 -18.27 17.31 -2.63
C ASP B 147 -17.91 16.74 -1.25
N ASP B 148 -18.22 15.46 -1.00
CA ASP B 148 -17.74 14.73 0.21
C ASP B 148 -17.82 13.22 -0.04
N PHE B 149 -17.35 12.45 0.94
CA PHE B 149 -17.19 10.97 0.92
C PHE B 149 -18.54 10.26 0.74
N GLU B 150 -19.45 10.43 1.71
CA GLU B 150 -20.71 9.64 1.81
C GLU B 150 -21.53 9.84 0.53
N LYS B 151 -21.66 11.09 0.08
CA LYS B 151 -22.40 11.47 -1.15
C LYS B 151 -21.73 10.80 -2.36
N GLY B 152 -20.40 10.86 -2.42
CA GLY B 152 -19.59 10.30 -3.52
C GLY B 152 -19.77 8.80 -3.65
N VAL B 153 -19.71 8.08 -2.52
CA VAL B 153 -19.80 6.59 -2.46
C VAL B 153 -21.20 6.18 -2.94
N GLU B 154 -22.24 6.91 -2.54
CA GLU B 154 -23.65 6.65 -2.95
C GLU B 154 -23.78 6.74 -4.47
N GLU B 155 -23.12 7.73 -5.09
CA GLU B 155 -23.23 8.03 -6.54
C GLU B 155 -22.59 6.87 -7.32
N VAL B 156 -21.49 6.36 -6.79
CA VAL B 156 -20.77 5.18 -7.35
C VAL B 156 -21.70 3.97 -7.29
N LYS B 157 -22.28 3.70 -6.11
CA LYS B 157 -23.20 2.57 -5.86
C LYS B 157 -24.36 2.65 -6.86
N GLU B 158 -24.89 3.85 -7.08
CA GLU B 158 -26.01 4.09 -8.03
C GLU B 158 -25.55 3.70 -9.45
N LEU B 159 -24.39 4.21 -9.88
CA LEU B 159 -23.84 3.91 -11.24
C LEU B 159 -23.56 2.40 -11.37
N LYS B 160 -23.16 1.75 -10.28
CA LYS B 160 -22.81 0.31 -10.28
C LYS B 160 -24.11 -0.49 -10.50
N ARG B 161 -25.18 -0.11 -9.81
CA ARG B 161 -26.53 -0.73 -9.93
C ARG B 161 -27.14 -0.43 -11.30
N HIS B 162 -26.82 0.74 -11.87
CA HIS B 162 -27.30 1.19 -13.21
C HIS B 162 -26.66 0.32 -14.30
N GLY B 163 -25.54 -0.32 -13.98
CA GLY B 163 -24.79 -1.21 -14.90
C GLY B 163 -23.71 -0.43 -15.63
N ALA B 164 -23.21 0.64 -15.01
CA ALA B 164 -22.07 1.43 -15.48
C ALA B 164 -20.81 0.56 -15.46
N LYS B 165 -20.07 0.61 -16.56
CA LYS B 165 -18.98 -0.32 -16.96
C LYS B 165 -17.65 0.24 -16.42
N ILE B 166 -17.31 1.49 -16.74
CA ILE B 166 -16.03 2.13 -16.28
C ILE B 166 -16.37 3.34 -15.41
N ILE B 167 -16.35 3.15 -14.08
CA ILE B 167 -16.56 4.22 -13.05
C ILE B 167 -15.19 4.68 -12.54
N ALA B 168 -15.00 6.00 -12.44
CA ALA B 168 -13.78 6.66 -11.90
C ALA B 168 -14.16 7.54 -10.71
N TYR B 169 -13.21 7.70 -9.77
CA TYR B 169 -13.38 8.55 -8.58
C TYR B 169 -12.16 9.48 -8.51
N ILE B 170 -12.41 10.75 -8.22
CA ILE B 170 -11.37 11.82 -8.08
C ILE B 170 -11.20 12.13 -6.59
N SER B 171 -9.97 12.12 -6.09
CA SER B 171 -9.65 12.53 -4.69
C SER B 171 -8.20 12.99 -4.59
N LYS B 172 -7.89 13.71 -3.52
CA LYS B 172 -6.53 14.20 -3.22
C LYS B 172 -5.69 13.07 -2.60
N SER B 173 -6.34 12.05 -1.98
CA SER B 173 -5.64 11.05 -1.12
C SER B 173 -5.88 9.61 -1.60
N ALA B 174 -4.82 8.80 -1.58
CA ALA B 174 -4.82 7.33 -1.79
C ALA B 174 -5.78 6.67 -0.81
N GLU B 175 -5.81 7.13 0.44
CA GLU B 175 -6.62 6.53 1.54
C GLU B 175 -8.10 6.70 1.19
N GLU B 176 -8.49 7.87 0.68
CA GLU B 176 -9.88 8.17 0.24
C GLU B 176 -10.24 7.30 -0.95
N LEU B 177 -9.37 7.22 -1.95
CA LEU B 177 -9.63 6.45 -3.20
C LEU B 177 -9.77 4.96 -2.88
N LYS B 178 -8.96 4.44 -1.94
CA LYS B 178 -9.00 3.01 -1.53
C LYS B 178 -10.31 2.73 -0.78
N LYS B 179 -10.62 3.55 0.24
CA LYS B 179 -11.83 3.40 1.09
C LYS B 179 -13.08 3.54 0.21
N ALA B 180 -13.02 4.41 -0.81
CA ALA B 180 -14.14 4.65 -1.77
C ALA B 180 -14.37 3.40 -2.63
N GLU B 181 -13.33 2.88 -3.29
CA GLU B 181 -13.41 1.67 -4.15
C GLU B 181 -13.94 0.48 -3.35
N LYS B 182 -13.66 0.42 -2.04
CA LYS B 182 -14.14 -0.64 -1.09
C LYS B 182 -15.67 -0.66 -1.04
N ALA B 183 -16.34 0.42 -1.48
CA ALA B 183 -17.81 0.46 -1.68
C ALA B 183 -18.14 0.10 -3.13
N MET C 1 -2.13 19.69 36.10
CA MET C 1 -2.63 18.95 34.91
C MET C 1 -1.79 17.67 34.75
N ASP C 2 -2.34 16.65 34.10
CA ASP C 2 -1.66 15.34 33.88
C ASP C 2 -1.46 15.13 32.37
N ILE C 3 -0.36 14.47 32.03
CA ILE C 3 0.01 14.12 30.63
C ILE C 3 0.17 12.61 30.64
N LEU C 4 -0.57 11.90 29.78
CA LEU C 4 -0.51 10.43 29.67
C LEU C 4 0.38 10.10 28.48
N ILE C 5 1.49 9.41 28.72
CA ILE C 5 2.50 9.16 27.67
C ILE C 5 2.50 7.68 27.31
N VAL C 6 2.13 7.38 26.07
CA VAL C 6 2.21 6.01 25.49
C VAL C 6 3.64 5.74 25.02
N ASN C 7 4.26 4.70 25.56
CA ASN C 7 5.61 4.27 25.14
C ASN C 7 5.57 2.79 24.78
N PRO C 8 5.35 2.44 23.50
CA PRO C 8 5.14 1.04 23.14
C PRO C 8 6.42 0.22 23.11
N ASP C 9 6.33 -1.04 23.52
CA ASP C 9 7.39 -2.05 23.34
C ASP C 9 7.46 -2.43 21.87
N ASP C 10 8.50 -3.18 21.49
CA ASP C 10 8.68 -3.74 20.12
C ASP C 10 7.41 -4.49 19.73
N PHE C 11 6.95 -4.31 18.49
CA PHE C 11 5.95 -5.16 17.82
C PHE C 11 4.59 -5.09 18.54
N GLU C 12 4.31 -3.97 19.22
CA GLU C 12 2.98 -3.67 19.82
C GLU C 12 2.25 -2.66 18.93
N LYS C 13 0.94 -2.58 19.08
CA LYS C 13 0.09 -1.60 18.36
C LYS C 13 -0.01 -0.35 19.24
N GLY C 14 1.09 0.39 19.36
CA GLY C 14 1.16 1.59 20.22
C GLY C 14 0.12 2.62 19.82
N VAL C 15 -0.05 2.87 18.52
CA VAL C 15 -0.99 3.91 18.00
C VAL C 15 -2.43 3.53 18.38
N GLU C 16 -2.73 2.24 18.53
CA GLU C 16 -4.10 1.78 18.95
C GLU C 16 -4.32 2.17 20.42
N GLU C 17 -3.25 2.24 21.22
CA GLU C 17 -3.38 2.72 22.63
C GLU C 17 -3.74 4.22 22.67
N VAL C 18 -3.25 5.03 21.72
CA VAL C 18 -3.65 6.46 21.57
C VAL C 18 -5.15 6.51 21.21
N LYS C 19 -5.57 5.75 20.21
CA LYS C 19 -7.00 5.69 19.79
C LYS C 19 -7.87 5.39 21.02
N GLU C 20 -7.46 4.45 21.88
CA GLU C 20 -8.26 4.06 23.08
C GLU C 20 -8.38 5.26 24.03
N LEU C 21 -7.23 5.85 24.42
CA LEU C 21 -7.22 7.02 25.33
C LEU C 21 -8.08 8.15 24.76
N LYS C 22 -8.06 8.32 23.44
CA LYS C 22 -8.81 9.40 22.74
C LYS C 22 -10.33 9.12 22.80
N ARG C 23 -10.77 7.89 23.05
CA ARG C 23 -12.21 7.51 22.93
C ARG C 23 -13.06 8.07 24.08
N HIS C 24 -12.50 8.27 25.28
CA HIS C 24 -13.25 8.75 26.47
C HIS C 24 -12.73 10.14 26.86
N GLY C 25 -13.63 11.12 26.97
CA GLY C 25 -13.31 12.44 27.56
C GLY C 25 -12.30 13.22 26.74
N ALA C 26 -11.40 13.93 27.42
CA ALA C 26 -10.42 14.83 26.77
C ALA C 26 -9.17 14.82 27.65
N LYS C 27 -8.18 14.06 27.19
CA LYS C 27 -6.91 13.80 27.91
C LYS C 27 -5.78 14.47 27.11
N ILE C 28 -4.76 14.97 27.80
CA ILE C 28 -3.49 15.35 27.14
C ILE C 28 -2.70 14.06 26.93
N ILE C 29 -2.49 13.69 25.67
CA ILE C 29 -1.87 12.40 25.28
C ILE C 29 -0.54 12.67 24.57
N ALA C 30 0.51 11.96 24.98
CA ALA C 30 1.82 12.00 24.32
C ALA C 30 2.20 10.61 23.82
N TYR C 31 3.06 10.59 22.80
CA TYR C 31 3.55 9.35 22.16
C TYR C 31 5.07 9.43 22.02
N ILE C 32 5.76 8.39 22.45
CA ILE C 32 7.25 8.28 22.32
C ILE C 32 7.58 7.34 21.16
N SER C 33 8.37 7.81 20.21
CA SER C 33 8.95 6.98 19.13
C SER C 33 10.30 7.52 18.67
N LYS C 34 11.07 6.68 18.00
CA LYS C 34 12.33 7.10 17.32
C LYS C 34 12.00 7.64 15.93
N SER C 35 10.77 7.46 15.46
CA SER C 35 10.37 7.72 14.05
C SER C 35 9.37 8.88 13.95
N ALA C 36 9.69 9.86 13.09
CA ALA C 36 8.77 10.92 12.64
C ALA C 36 7.53 10.30 11.98
N GLU C 37 7.73 9.24 11.17
CA GLU C 37 6.61 8.55 10.48
C GLU C 37 5.61 8.04 11.52
N GLU C 38 6.08 7.34 12.55
CA GLU C 38 5.21 6.78 13.63
C GLU C 38 4.53 7.92 14.41
N LEU C 39 5.23 9.03 14.64
CA LEU C 39 4.68 10.17 15.44
C LEU C 39 3.57 10.88 14.63
N LYS C 40 3.67 10.94 13.31
CA LYS C 40 2.58 11.46 12.44
C LYS C 40 1.32 10.56 12.58
N LYS C 41 1.47 9.24 12.61
CA LYS C 41 0.36 8.27 12.86
C LYS C 41 -0.25 8.55 14.24
N ALA C 42 0.59 8.73 15.27
CA ALA C 42 0.12 8.99 16.66
C ALA C 42 -0.65 10.31 16.72
N GLU C 43 -0.20 11.35 16.00
CA GLU C 43 -0.87 12.68 15.99
C GLU C 43 -2.24 12.57 15.34
N LYS C 44 -2.34 11.80 14.26
CA LYS C 44 -3.63 11.60 13.55
C LYS C 44 -4.63 10.88 14.45
N ALA C 45 -4.14 9.96 15.29
CA ALA C 45 -4.93 9.14 16.25
C ALA C 45 -5.36 9.99 17.47
N GLY C 46 -4.75 11.17 17.63
CA GLY C 46 -5.14 12.16 18.64
C GLY C 46 -4.06 12.48 19.68
N ALA C 47 -2.79 12.07 19.48
CA ALA C 47 -1.68 12.50 20.38
C ALA C 47 -1.48 14.01 20.24
N ASP C 48 -1.41 14.72 21.36
CA ASP C 48 -1.15 16.19 21.45
C ASP C 48 0.37 16.47 21.45
N ILE C 49 1.18 15.58 22.02
CA ILE C 49 2.66 15.81 22.18
C ILE C 49 3.40 14.67 21.51
N LEU C 50 4.25 14.98 20.53
CA LEU C 50 5.04 13.98 19.76
C LEU C 50 6.48 14.00 20.27
N ILE C 51 6.90 12.92 20.93
CA ILE C 51 8.21 12.85 21.65
C ILE C 51 9.19 12.00 20.84
N VAL C 52 10.23 12.65 20.30
CA VAL C 52 11.32 11.95 19.58
C VAL C 52 12.28 11.36 20.63
N ASN C 53 12.46 10.04 20.58
CA ASN C 53 13.36 9.26 21.45
C ASN C 53 14.28 8.47 20.54
N PRO C 54 15.38 9.09 20.07
CA PRO C 54 16.20 8.50 19.01
C PRO C 54 17.28 7.52 19.50
N ASP C 55 17.81 6.70 18.59
CA ASP C 55 18.97 5.80 18.84
C ASP C 55 20.26 6.63 18.85
N ASP C 56 20.37 7.60 17.93
CA ASP C 56 21.56 8.49 17.84
C ASP C 56 21.10 9.94 17.62
N PHE C 57 21.91 10.88 18.08
CA PHE C 57 21.64 12.35 18.03
C PHE C 57 21.39 12.80 16.58
N GLU C 58 22.24 12.37 15.64
CA GLU C 58 22.22 12.83 14.22
C GLU C 58 20.88 12.43 13.59
N LYS C 59 20.45 11.19 13.81
CA LYS C 59 19.13 10.68 13.32
C LYS C 59 18.00 11.44 14.01
N GLY C 60 18.07 11.59 15.34
CA GLY C 60 17.05 12.25 16.16
C GLY C 60 16.70 13.65 15.68
N VAL C 61 17.69 14.49 15.37
CA VAL C 61 17.45 15.92 15.02
C VAL C 61 16.79 16.01 13.65
N GLU C 62 17.08 15.05 12.75
CA GLU C 62 16.39 14.96 11.43
C GLU C 62 14.89 14.68 11.67
N GLU C 63 14.56 13.81 12.63
CA GLU C 63 13.14 13.47 12.95
C GLU C 63 12.44 14.74 13.44
N VAL C 64 13.11 15.56 14.27
CA VAL C 64 12.54 16.84 14.77
C VAL C 64 12.25 17.75 13.56
N LYS C 65 13.19 17.86 12.62
CA LYS C 65 13.09 18.77 11.45
C LYS C 65 11.90 18.34 10.57
N GLU C 66 11.80 17.04 10.31
CA GLU C 66 10.69 16.43 9.52
C GLU C 66 9.35 16.76 10.20
N LEU C 67 9.24 16.66 11.52
CA LEU C 67 7.98 16.96 12.25
C LEU C 67 7.67 18.46 12.19
N LYS C 68 8.70 19.31 12.13
CA LYS C 68 8.54 20.80 12.04
C LYS C 68 7.97 21.17 10.66
N ARG C 69 8.55 20.61 9.59
CA ARG C 69 8.09 20.81 8.18
C ARG C 69 6.62 20.35 8.06
N HIS C 70 6.28 19.23 8.69
CA HIS C 70 4.93 18.60 8.67
C HIS C 70 3.95 19.45 9.50
N GLY C 71 4.46 20.31 10.39
CA GLY C 71 3.66 21.27 11.17
C GLY C 71 3.08 20.67 12.44
N ALA C 72 3.80 19.74 13.08
CA ALA C 72 3.39 19.06 14.33
C ALA C 72 3.14 20.09 15.44
N LYS C 73 2.12 19.80 16.26
CA LYS C 73 1.48 20.68 17.27
C LYS C 73 2.49 21.04 18.36
N ILE C 74 3.00 20.03 19.08
CA ILE C 74 3.97 20.14 20.20
C ILE C 74 5.02 19.03 20.01
N ILE C 75 6.26 19.39 19.67
CA ILE C 75 7.35 18.39 19.49
C ILE C 75 8.19 18.36 20.77
N ALA C 76 8.56 17.17 21.23
CA ALA C 76 9.46 16.99 22.38
C ALA C 76 10.62 16.09 21.97
N TYR C 77 11.68 16.11 22.78
CA TYR C 77 12.94 15.38 22.51
C TYR C 77 13.47 14.83 23.84
N ILE C 78 13.85 13.55 23.85
CA ILE C 78 14.44 12.91 25.05
C ILE C 78 15.95 12.78 24.81
N SER C 79 16.74 13.21 25.78
CA SER C 79 18.21 12.96 25.78
C SER C 79 18.77 13.03 27.19
N LYS C 80 19.94 12.41 27.40
CA LYS C 80 20.70 12.56 28.67
C LYS C 80 21.49 13.87 28.65
N SER C 81 21.55 14.58 27.52
CA SER C 81 22.51 15.69 27.27
C SER C 81 21.79 17.03 27.04
N ALA C 82 22.11 18.05 27.84
CA ALA C 82 21.67 19.44 27.62
C ALA C 82 22.15 19.91 26.24
N GLU C 83 23.40 19.61 25.84
CA GLU C 83 23.94 20.01 24.50
C GLU C 83 23.00 19.53 23.38
N GLU C 84 22.67 18.24 23.38
CA GLU C 84 21.76 17.64 22.36
C GLU C 84 20.39 18.35 22.38
N LEU C 85 19.86 18.62 23.57
CA LEU C 85 18.52 19.25 23.75
C LEU C 85 18.52 20.70 23.25
N LYS C 86 19.66 21.43 23.39
CA LYS C 86 19.83 22.78 22.81
C LYS C 86 19.70 22.71 21.28
N LYS C 87 20.27 21.70 20.63
CA LYS C 87 20.23 21.54 19.15
C LYS C 87 18.82 21.09 18.73
N ALA C 88 18.20 20.19 19.51
CA ALA C 88 16.81 19.72 19.30
C ALA C 88 15.86 20.94 19.35
N GLU C 89 16.03 21.83 20.34
CA GLU C 89 15.27 23.11 20.48
C GLU C 89 15.43 23.95 19.21
N LYS C 90 16.66 24.14 18.69
CA LYS C 90 16.89 24.97 17.48
C LYS C 90 16.20 24.35 16.26
N ALA C 91 16.15 23.02 16.15
CA ALA C 91 15.47 22.31 15.04
C ALA C 91 13.94 22.37 15.19
N GLY C 92 13.42 22.70 16.38
CA GLY C 92 11.99 23.01 16.59
C GLY C 92 11.34 22.24 17.73
N ALA C 93 12.09 21.54 18.58
CA ALA C 93 11.51 20.87 19.76
C ALA C 93 10.98 21.93 20.75
N ASP C 94 9.73 21.81 21.21
CA ASP C 94 9.12 22.78 22.16
C ASP C 94 9.40 22.33 23.60
N ILE C 95 9.55 21.02 23.83
CA ILE C 95 9.70 20.46 25.20
C ILE C 95 10.99 19.63 25.24
N LEU C 96 11.88 20.00 26.16
CA LEU C 96 13.23 19.39 26.26
C LEU C 96 13.22 18.47 27.47
N ILE C 97 13.33 17.16 27.23
CA ILE C 97 13.17 16.12 28.26
C ILE C 97 14.53 15.51 28.58
N VAL C 98 14.95 15.70 29.83
CA VAL C 98 16.18 15.06 30.38
C VAL C 98 15.83 13.67 30.89
N ASN C 99 16.49 12.67 30.30
CA ASN C 99 16.42 11.25 30.72
C ASN C 99 17.83 10.78 31.05
N PRO C 100 18.29 10.90 32.31
CA PRO C 100 19.68 10.66 32.67
C PRO C 100 20.02 9.20 33.00
N ASP C 101 21.32 8.88 33.10
CA ASP C 101 21.81 7.57 33.58
C ASP C 101 21.84 7.55 35.11
N ASP C 102 22.19 8.68 35.76
CA ASP C 102 22.07 8.81 37.23
C ASP C 102 21.61 10.22 37.61
N PHE C 103 21.10 10.36 38.83
CA PHE C 103 20.41 11.55 39.38
C PHE C 103 21.39 12.74 39.45
N GLU C 104 22.64 12.52 39.87
CA GLU C 104 23.65 13.60 40.03
C GLU C 104 23.86 14.33 38.69
N LYS C 105 24.06 13.54 37.61
CA LYS C 105 24.30 14.06 36.24
C LYS C 105 23.03 14.70 35.66
N GLY C 106 21.84 14.13 35.88
CA GLY C 106 20.61 14.64 35.25
C GLY C 106 20.30 16.06 35.69
N VAL C 107 20.46 16.33 36.98
CA VAL C 107 20.09 17.64 37.60
C VAL C 107 21.03 18.72 37.06
N GLU C 108 22.29 18.38 36.78
CA GLU C 108 23.27 19.31 36.13
C GLU C 108 22.76 19.72 34.75
N GLU C 109 22.15 18.77 34.01
CA GLU C 109 21.59 19.06 32.65
C GLU C 109 20.41 20.00 32.81
N VAL C 110 19.52 19.75 33.77
CA VAL C 110 18.36 20.66 34.02
C VAL C 110 18.91 22.06 34.34
N LYS C 111 19.86 22.11 35.26
CA LYS C 111 20.54 23.36 35.68
C LYS C 111 20.96 24.12 34.41
N GLU C 112 21.66 23.45 33.49
CA GLU C 112 22.20 24.07 32.24
C GLU C 112 21.06 24.51 31.31
N LEU C 113 20.00 23.70 31.13
CA LEU C 113 18.95 24.10 30.16
C LEU C 113 18.30 25.38 30.64
N LYS C 114 18.19 25.47 31.94
CA LYS C 114 17.60 26.64 32.61
C LYS C 114 18.53 27.85 32.45
N ARG C 115 19.83 27.65 32.64
CA ARG C 115 20.86 28.68 32.33
C ARG C 115 20.68 29.17 30.89
N HIS C 116 20.47 28.25 29.94
CA HIS C 116 20.33 28.52 28.49
C HIS C 116 19.00 29.25 28.18
N GLY C 117 18.03 29.24 29.10
CA GLY C 117 16.68 29.83 28.90
C GLY C 117 15.76 28.90 28.11
N ALA C 118 15.86 27.59 28.31
CA ALA C 118 15.00 26.60 27.61
C ALA C 118 13.53 26.88 27.93
N LYS C 119 12.65 26.77 26.93
CA LYS C 119 11.19 27.12 26.95
C LYS C 119 10.44 26.26 27.98
N ILE C 120 10.49 24.94 27.81
CA ILE C 120 9.82 23.98 28.74
C ILE C 120 10.78 22.81 28.94
N ILE C 121 11.14 22.56 30.19
CA ILE C 121 12.06 21.47 30.58
C ILE C 121 11.27 20.37 31.28
N ALA C 122 11.54 19.12 30.96
CA ALA C 122 10.96 17.96 31.64
C ALA C 122 12.07 17.05 32.13
N TYR C 123 11.75 16.21 33.10
CA TYR C 123 12.67 15.23 33.72
C TYR C 123 11.96 13.89 33.89
N ILE C 124 12.61 12.79 33.47
CA ILE C 124 12.11 11.40 33.64
C ILE C 124 12.84 10.74 34.81
N SER C 125 12.09 10.20 35.76
CA SER C 125 12.60 9.34 36.85
C SER C 125 11.52 8.38 37.36
N LYS C 126 11.94 7.30 38.02
CA LYS C 126 11.08 6.35 38.79
C LYS C 126 10.73 6.96 40.15
N SER C 127 11.43 8.02 40.57
CA SER C 127 11.41 8.54 41.97
C SER C 127 10.75 9.92 42.03
N ALA C 128 9.78 10.08 42.92
CA ALA C 128 9.19 11.38 43.34
C ALA C 128 10.29 12.27 43.94
N GLU C 129 11.20 11.70 44.72
CA GLU C 129 12.26 12.47 45.45
C GLU C 129 13.21 13.10 44.43
N GLU C 130 13.65 12.34 43.42
CA GLU C 130 14.52 12.85 42.32
C GLU C 130 13.78 13.95 41.54
N LEU C 131 12.50 13.71 41.21
CA LEU C 131 11.70 14.67 40.42
C LEU C 131 11.53 15.99 41.20
N LYS C 132 11.38 15.92 42.52
CA LYS C 132 11.26 17.12 43.41
C LYS C 132 12.54 17.95 43.27
N LYS C 133 13.71 17.31 43.26
CA LYS C 133 15.02 17.99 43.13
C LYS C 133 15.17 18.56 41.71
N ALA C 134 14.71 17.82 40.68
CA ALA C 134 14.67 18.27 39.27
C ALA C 134 13.78 19.52 39.11
N GLU C 135 12.65 19.56 39.83
CA GLU C 135 11.71 20.72 39.86
C GLU C 135 12.46 21.97 40.38
N LYS C 136 13.18 21.80 41.48
CA LYS C 136 14.01 22.87 42.12
C LYS C 136 14.99 23.46 41.11
N ALA C 137 15.59 22.62 40.26
CA ALA C 137 16.65 23.02 39.30
C ALA C 137 16.04 23.69 38.06
N GLY C 138 14.72 23.63 37.87
CA GLY C 138 14.03 24.38 36.79
C GLY C 138 13.11 23.51 35.93
N ALA C 139 12.87 22.25 36.28
CA ALA C 139 12.01 21.34 35.51
C ALA C 139 10.55 21.77 35.68
N ASP C 140 9.85 22.00 34.57
CA ASP C 140 8.42 22.44 34.52
C ASP C 140 7.52 21.21 34.50
N ILE C 141 7.98 20.09 33.91
CA ILE C 141 7.17 18.83 33.79
C ILE C 141 7.93 17.68 34.46
N LEU C 142 7.31 17.04 35.46
CA LEU C 142 7.86 15.85 36.17
C LEU C 142 7.23 14.58 35.60
N ILE C 143 8.05 13.72 34.98
CA ILE C 143 7.62 12.48 34.26
C ILE C 143 8.00 11.24 35.08
N VAL C 144 7.01 10.53 35.61
CA VAL C 144 7.19 9.25 36.33
C VAL C 144 7.30 8.14 35.28
N ASN C 145 8.43 7.42 35.31
CA ASN C 145 8.70 6.23 34.45
C ASN C 145 8.92 5.05 35.37
N PRO C 146 7.85 4.34 35.79
CA PRO C 146 7.96 3.36 36.86
C PRO C 146 8.42 1.97 36.41
N ASP C 147 9.04 1.22 37.32
CA ASP C 147 9.43 -0.20 37.14
C ASP C 147 8.18 -1.10 37.13
N ASP C 148 7.13 -0.76 37.90
CA ASP C 148 5.82 -1.46 37.87
C ASP C 148 4.70 -0.45 38.18
N PHE C 149 3.44 -0.85 37.96
CA PHE C 149 2.26 0.05 38.04
C PHE C 149 2.05 0.53 39.49
N GLU C 150 2.11 -0.39 40.46
CA GLU C 150 1.78 -0.09 41.88
C GLU C 150 2.70 1.04 42.37
N LYS C 151 4.02 0.83 42.27
CA LYS C 151 5.06 1.81 42.68
C LYS C 151 4.90 3.11 41.89
N GLY C 152 4.60 3.03 40.59
CA GLY C 152 4.34 4.21 39.73
C GLY C 152 3.26 5.09 40.32
N VAL C 153 2.09 4.51 40.63
CA VAL C 153 0.90 5.28 41.10
C VAL C 153 1.23 5.97 42.44
N GLU C 154 2.08 5.34 43.27
CA GLU C 154 2.48 5.89 44.60
C GLU C 154 3.39 7.11 44.41
N GLU C 155 4.30 7.08 43.44
CA GLU C 155 5.19 8.23 43.13
C GLU C 155 4.35 9.39 42.59
N VAL C 156 3.29 9.10 41.82
CA VAL C 156 2.36 10.15 41.29
C VAL C 156 1.64 10.80 42.48
N LYS C 157 1.05 9.97 43.35
CA LYS C 157 0.34 10.44 44.58
C LYS C 157 1.26 11.38 45.36
N GLU C 158 2.55 11.02 45.50
CA GLU C 158 3.53 11.79 46.31
C GLU C 158 3.81 13.16 45.66
N LEU C 159 3.87 13.24 44.33
CA LEU C 159 4.12 14.52 43.61
C LEU C 159 2.87 15.40 43.69
N LYS C 160 1.67 14.82 43.59
CA LYS C 160 0.38 15.58 43.71
C LYS C 160 0.28 16.19 45.12
N ARG C 161 0.60 15.37 46.13
CA ARG C 161 0.68 15.75 47.57
C ARG C 161 1.63 16.94 47.72
N HIS C 162 2.84 16.81 47.17
CA HIS C 162 3.91 17.85 47.18
C HIS C 162 3.41 19.13 46.50
N GLY C 163 2.50 19.00 45.52
CA GLY C 163 1.93 20.13 44.77
C GLY C 163 2.71 20.41 43.49
N ALA C 164 3.28 19.38 42.87
CA ALA C 164 3.97 19.46 41.55
C ALA C 164 3.03 20.07 40.51
N LYS C 165 3.57 20.99 39.70
CA LYS C 165 2.88 21.81 38.67
C LYS C 165 2.15 20.88 37.67
N ILE C 166 2.93 20.13 36.89
CA ILE C 166 2.51 19.29 35.74
C ILE C 166 3.18 17.92 35.91
N ILE C 167 2.38 16.88 36.09
CA ILE C 167 2.84 15.47 36.27
C ILE C 167 2.46 14.68 35.01
N ALA C 168 3.41 13.88 34.51
CA ALA C 168 3.21 12.94 33.41
C ALA C 168 3.55 11.54 33.88
N TYR C 169 3.11 10.54 33.12
CA TYR C 169 3.24 9.10 33.45
C TYR C 169 3.47 8.37 32.13
N ILE C 170 4.47 7.50 32.11
CA ILE C 170 4.83 6.68 30.92
C ILE C 170 4.32 5.27 31.16
N SER C 171 3.68 4.69 30.14
CA SER C 171 3.25 3.27 30.13
C SER C 171 3.06 2.80 28.68
N LYS C 172 3.16 1.49 28.44
CA LYS C 172 2.81 0.93 27.11
C LYS C 172 1.28 0.78 26.99
N SER C 173 0.52 0.95 28.06
CA SER C 173 -0.91 0.49 28.17
C SER C 173 -1.86 1.67 28.43
N ALA C 174 -2.81 1.90 27.52
CA ALA C 174 -3.91 2.87 27.74
C ALA C 174 -4.63 2.58 29.06
N GLU C 175 -4.82 1.30 29.42
CA GLU C 175 -5.59 0.91 30.64
C GLU C 175 -4.82 1.36 31.89
N GLU C 176 -3.51 1.11 31.90
CA GLU C 176 -2.58 1.56 32.98
C GLU C 176 -2.60 3.09 33.08
N LEU C 177 -2.56 3.80 31.95
CA LEU C 177 -2.57 5.29 31.93
C LEU C 177 -3.89 5.86 32.48
N LYS C 178 -5.02 5.24 32.15
CA LYS C 178 -6.35 5.65 32.67
C LYS C 178 -6.41 5.38 34.18
N LYS C 179 -5.96 4.20 34.61
CA LYS C 179 -5.98 3.77 36.04
C LYS C 179 -5.06 4.67 36.87
N ALA C 180 -3.95 5.16 36.27
CA ALA C 180 -3.10 6.23 36.85
C ALA C 180 -3.96 7.49 37.01
N GLU C 181 -4.28 8.17 35.91
CA GLU C 181 -5.11 9.41 35.90
C GLU C 181 -6.21 9.28 36.96
N LYS C 182 -6.97 8.17 36.96
CA LYS C 182 -8.17 7.97 37.85
C LYS C 182 -7.77 7.93 39.31
N ALA C 183 -6.69 7.24 39.63
CA ALA C 183 -6.12 7.13 40.99
C ALA C 183 -5.08 8.24 41.21
N ASP D 2 -2.93 -0.07 -30.44
CA ASP D 2 -2.96 0.40 -29.02
C ASP D 2 -2.70 -0.76 -28.05
N ILE D 3 -3.14 -1.98 -28.34
CA ILE D 3 -3.00 -3.11 -27.37
C ILE D 3 -2.16 -4.21 -28.02
N LEU D 4 -1.06 -4.61 -27.38
CA LEU D 4 -0.11 -5.62 -27.89
C LEU D 4 -0.32 -6.91 -27.11
N ILE D 5 -0.90 -7.93 -27.77
CA ILE D 5 -1.28 -9.20 -27.13
C ILE D 5 -0.20 -10.24 -27.43
N VAL D 6 0.49 -10.69 -26.38
CA VAL D 6 1.45 -11.83 -26.45
C VAL D 6 0.69 -13.15 -26.51
N ASN D 7 0.91 -13.89 -27.59
CA ASN D 7 0.34 -15.26 -27.75
C ASN D 7 1.50 -16.24 -27.66
N PRO D 8 1.82 -16.77 -26.46
CA PRO D 8 3.09 -17.46 -26.23
C PRO D 8 3.18 -18.90 -26.79
N ASP D 9 4.34 -19.24 -27.35
CA ASP D 9 4.76 -20.64 -27.69
C ASP D 9 4.70 -21.50 -26.43
N ASP D 10 5.35 -21.02 -25.35
CA ASP D 10 5.35 -21.66 -24.01
C ASP D 10 5.45 -20.56 -22.96
N PHE D 11 5.34 -20.94 -21.68
CA PHE D 11 5.29 -20.02 -20.53
C PHE D 11 6.62 -19.27 -20.45
N GLU D 12 7.74 -20.01 -20.54
CA GLU D 12 9.10 -19.45 -20.38
C GLU D 12 9.26 -18.33 -21.44
N LYS D 13 9.09 -18.67 -22.71
CA LYS D 13 9.32 -17.73 -23.84
C LYS D 13 8.28 -16.60 -23.83
N GLY D 14 7.05 -16.87 -23.36
CA GLY D 14 5.98 -15.85 -23.24
C GLY D 14 6.36 -14.74 -22.28
N VAL D 15 6.72 -15.09 -21.03
CA VAL D 15 7.10 -14.11 -19.97
C VAL D 15 8.28 -13.27 -20.46
N GLU D 16 9.17 -13.86 -21.26
CA GLU D 16 10.37 -13.15 -21.78
C GLU D 16 9.93 -12.09 -22.78
N GLU D 17 8.92 -12.39 -23.63
CA GLU D 17 8.42 -11.42 -24.63
C GLU D 17 7.72 -10.26 -23.92
N VAL D 18 6.97 -10.55 -22.83
CA VAL D 18 6.34 -9.50 -21.98
C VAL D 18 7.44 -8.57 -21.41
N LYS D 19 8.44 -9.16 -20.78
CA LYS D 19 9.58 -8.40 -20.18
C LYS D 19 10.19 -7.50 -21.26
N GLU D 20 10.46 -8.03 -22.45
CA GLU D 20 11.02 -7.25 -23.58
C GLU D 20 10.13 -6.04 -23.87
N LEU D 21 8.81 -6.29 -24.04
CA LEU D 21 7.86 -5.19 -24.34
C LEU D 21 7.85 -4.17 -23.21
N LYS D 22 7.92 -4.64 -21.96
CA LYS D 22 7.80 -3.78 -20.75
C LYS D 22 9.05 -2.87 -20.66
N ARG D 23 10.17 -3.30 -21.25
CA ARG D 23 11.51 -2.65 -21.09
C ARG D 23 11.61 -1.33 -21.87
N HIS D 24 10.82 -1.15 -22.93
CA HIS D 24 10.88 0.04 -23.83
C HIS D 24 9.56 0.82 -23.73
N GLY D 25 9.63 2.10 -23.32
CA GLY D 25 8.46 2.98 -23.23
C GLY D 25 7.39 2.45 -22.29
N ALA D 26 6.12 2.71 -22.63
CA ALA D 26 4.96 2.38 -21.78
C ALA D 26 3.85 1.84 -22.71
N LYS D 27 3.86 0.53 -22.93
CA LYS D 27 2.94 -0.19 -23.85
C LYS D 27 1.74 -0.75 -23.07
N ILE D 28 0.56 -0.83 -23.71
CA ILE D 28 -0.57 -1.66 -23.16
C ILE D 28 -0.34 -3.09 -23.64
N ILE D 29 0.03 -3.96 -22.70
CA ILE D 29 0.48 -5.35 -22.95
C ILE D 29 -0.58 -6.30 -22.42
N ALA D 30 -0.90 -7.30 -23.22
CA ALA D 30 -1.86 -8.36 -22.86
C ALA D 30 -1.16 -9.70 -23.02
N TYR D 31 -1.65 -10.70 -22.32
CA TYR D 31 -1.15 -12.09 -22.40
C TYR D 31 -2.33 -13.07 -22.47
N ILE D 32 -2.26 -14.06 -23.36
CA ILE D 32 -3.29 -15.13 -23.50
C ILE D 32 -2.77 -16.41 -22.84
N SER D 33 -3.55 -16.98 -21.92
CA SER D 33 -3.30 -18.31 -21.33
C SER D 33 -4.62 -18.93 -20.85
N LYS D 34 -4.62 -20.25 -20.65
CA LYS D 34 -5.79 -20.98 -20.10
C LYS D 34 -5.70 -20.99 -18.57
N SER D 35 -4.56 -20.57 -18.02
CA SER D 35 -4.16 -20.76 -16.60
C SER D 35 -4.13 -19.42 -15.87
N ALA D 36 -4.85 -19.30 -14.75
CA ALA D 36 -4.75 -18.15 -13.83
C ALA D 36 -3.30 -18.03 -13.36
N GLU D 37 -2.66 -19.15 -13.01
CA GLU D 37 -1.29 -19.19 -12.44
C GLU D 37 -0.30 -18.55 -13.44
N GLU D 38 -0.39 -18.90 -14.72
CA GLU D 38 0.49 -18.29 -15.77
C GLU D 38 0.17 -16.80 -15.92
N LEU D 39 -1.10 -16.40 -15.86
CA LEU D 39 -1.50 -14.99 -16.05
C LEU D 39 -1.02 -14.15 -14.85
N LYS D 40 -0.96 -14.72 -13.65
CA LYS D 40 -0.43 -14.03 -12.45
C LYS D 40 1.03 -13.65 -12.69
N LYS D 41 1.82 -14.54 -13.30
CA LYS D 41 3.26 -14.35 -13.55
C LYS D 41 3.45 -13.38 -14.72
N ALA D 42 2.59 -13.44 -15.75
CA ALA D 42 2.57 -12.48 -16.88
C ALA D 42 2.30 -11.07 -16.36
N GLU D 43 1.36 -10.92 -15.43
CA GLU D 43 1.04 -9.60 -14.81
C GLU D 43 2.26 -9.09 -14.05
N LYS D 44 2.89 -9.91 -13.23
CA LYS D 44 4.13 -9.54 -12.49
C LYS D 44 5.21 -9.07 -13.47
N ALA D 45 5.30 -9.68 -14.65
CA ALA D 45 6.33 -9.35 -15.68
C ALA D 45 5.95 -8.11 -16.50
N GLY D 46 4.70 -7.62 -16.37
CA GLY D 46 4.30 -6.33 -16.96
C GLY D 46 3.00 -6.36 -17.77
N ALA D 47 2.33 -7.50 -17.93
CA ALA D 47 1.03 -7.55 -18.66
C ALA D 47 -0.01 -6.73 -17.89
N ASP D 48 -0.71 -5.82 -18.57
CA ASP D 48 -1.85 -5.03 -18.00
C ASP D 48 -3.18 -5.82 -18.16
N ILE D 49 -3.34 -6.52 -19.26
CA ILE D 49 -4.61 -7.24 -19.63
C ILE D 49 -4.35 -8.75 -19.61
N LEU D 50 -5.03 -9.46 -18.72
CA LEU D 50 -4.92 -10.94 -18.57
C LEU D 50 -6.12 -11.60 -19.29
N ILE D 51 -5.83 -12.31 -20.38
CA ILE D 51 -6.83 -12.90 -21.32
C ILE D 51 -6.90 -14.41 -21.09
N VAL D 52 -7.99 -14.86 -20.47
CA VAL D 52 -8.27 -16.31 -20.26
C VAL D 52 -8.75 -16.88 -21.61
N ASN D 53 -8.01 -17.88 -22.11
CA ASN D 53 -8.39 -18.71 -23.28
C ASN D 53 -8.77 -20.08 -22.72
N PRO D 54 -10.07 -20.32 -22.45
CA PRO D 54 -10.49 -21.44 -21.60
C PRO D 54 -10.35 -22.81 -22.27
N ASP D 55 -9.87 -23.79 -21.51
CA ASP D 55 -9.86 -25.24 -21.87
C ASP D 55 -11.30 -25.60 -22.25
N ASP D 56 -12.20 -25.48 -21.27
CA ASP D 56 -13.67 -25.64 -21.43
C ASP D 56 -14.34 -24.54 -20.60
N PHE D 57 -15.66 -24.38 -20.73
CA PHE D 57 -16.40 -23.22 -20.17
C PHE D 57 -16.33 -23.22 -18.64
N GLU D 58 -16.40 -24.40 -18.00
CA GLU D 58 -16.49 -24.50 -16.51
C GLU D 58 -15.13 -24.15 -15.88
N LYS D 59 -14.03 -24.72 -16.39
CA LYS D 59 -12.65 -24.38 -15.91
C LYS D 59 -12.38 -22.89 -16.13
N GLY D 60 -12.72 -22.38 -17.32
CA GLY D 60 -12.52 -20.98 -17.72
C GLY D 60 -13.09 -20.00 -16.71
N VAL D 61 -14.32 -20.22 -16.25
CA VAL D 61 -15.01 -19.22 -15.38
C VAL D 61 -14.35 -19.22 -13.98
N GLU D 62 -13.83 -20.35 -13.50
CA GLU D 62 -13.11 -20.41 -12.20
C GLU D 62 -11.78 -19.64 -12.31
N GLU D 63 -11.07 -19.74 -13.44
CA GLU D 63 -9.80 -19.01 -13.68
C GLU D 63 -10.09 -17.50 -13.61
N VAL D 64 -11.20 -17.03 -14.20
CA VAL D 64 -11.69 -15.62 -14.08
C VAL D 64 -11.91 -15.27 -12.60
N LYS D 65 -12.59 -16.11 -11.81
CA LYS D 65 -12.87 -15.81 -10.38
C LYS D 65 -11.53 -15.77 -9.60
N GLU D 66 -10.55 -16.57 -9.99
CA GLU D 66 -9.24 -16.63 -9.28
C GLU D 66 -8.45 -15.34 -9.57
N LEU D 67 -8.40 -14.90 -10.82
CA LEU D 67 -7.78 -13.62 -11.24
C LEU D 67 -8.53 -12.44 -10.60
N LYS D 68 -9.85 -12.55 -10.43
CA LYS D 68 -10.67 -11.51 -9.74
C LYS D 68 -10.25 -11.43 -8.26
N ARG D 69 -10.13 -12.58 -7.58
CA ARG D 69 -9.65 -12.68 -6.18
C ARG D 69 -8.25 -12.06 -6.06
N HIS D 70 -7.35 -12.46 -6.95
CA HIS D 70 -5.91 -12.04 -7.02
C HIS D 70 -5.82 -10.52 -7.21
N GLY D 71 -6.85 -9.91 -7.78
CA GLY D 71 -6.89 -8.48 -8.10
C GLY D 71 -6.14 -8.20 -9.39
N ALA D 72 -6.45 -8.95 -10.45
CA ALA D 72 -5.91 -8.70 -11.80
C ALA D 72 -6.40 -7.32 -12.26
N LYS D 73 -5.52 -6.50 -12.81
CA LYS D 73 -5.83 -5.13 -13.29
C LYS D 73 -7.03 -5.11 -14.27
N ILE D 74 -6.97 -5.91 -15.32
CA ILE D 74 -8.00 -6.02 -16.39
C ILE D 74 -8.04 -7.47 -16.84
N ILE D 75 -9.19 -8.13 -16.67
CA ILE D 75 -9.44 -9.53 -17.09
C ILE D 75 -10.21 -9.52 -18.41
N ALA D 76 -9.83 -10.37 -19.36
CA ALA D 76 -10.58 -10.63 -20.60
C ALA D 76 -10.85 -12.13 -20.74
N TYR D 77 -11.81 -12.46 -21.60
CA TYR D 77 -12.29 -13.85 -21.79
C TYR D 77 -12.57 -14.04 -23.28
N ILE D 78 -12.07 -15.13 -23.86
CA ILE D 78 -12.26 -15.46 -25.30
C ILE D 78 -13.33 -16.54 -25.41
N SER D 79 -14.37 -16.33 -26.21
CA SER D 79 -15.40 -17.38 -26.45
C SER D 79 -16.06 -17.14 -27.80
N LYS D 80 -16.61 -18.21 -28.39
CA LYS D 80 -17.45 -18.11 -29.61
C LYS D 80 -18.88 -17.72 -29.22
N SER D 81 -19.21 -17.72 -27.91
CA SER D 81 -20.58 -17.65 -27.36
C SER D 81 -20.82 -16.40 -26.50
N ALA D 82 -21.78 -15.56 -26.90
CA ALA D 82 -22.31 -14.46 -26.07
C ALA D 82 -22.76 -14.98 -24.70
N GLU D 83 -23.46 -16.13 -24.60
CA GLU D 83 -23.94 -16.68 -23.29
C GLU D 83 -22.74 -16.94 -22.36
N GLU D 84 -21.70 -17.60 -22.86
CA GLU D 84 -20.44 -17.86 -22.07
C GLU D 84 -19.83 -16.53 -21.60
N LEU D 85 -19.84 -15.51 -22.44
CA LEU D 85 -19.20 -14.19 -22.16
C LEU D 85 -20.05 -13.43 -21.12
N LYS D 86 -21.38 -13.55 -21.17
CA LYS D 86 -22.25 -12.91 -20.14
C LYS D 86 -21.89 -13.48 -18.76
N LYS D 87 -21.60 -14.79 -18.65
CA LYS D 87 -21.26 -15.45 -17.36
C LYS D 87 -19.81 -15.08 -16.98
N ALA D 88 -18.89 -15.03 -17.96
CA ALA D 88 -17.51 -14.51 -17.77
C ALA D 88 -17.56 -13.12 -17.15
N GLU D 89 -18.42 -12.24 -17.69
CA GLU D 89 -18.62 -10.85 -17.20
C GLU D 89 -19.11 -10.83 -15.74
N LYS D 90 -20.12 -11.64 -15.38
CA LYS D 90 -20.61 -11.72 -13.97
C LYS D 90 -19.49 -12.22 -13.04
N ALA D 91 -18.61 -13.09 -13.53
CA ALA D 91 -17.49 -13.67 -12.75
C ALA D 91 -16.34 -12.65 -12.61
N GLY D 92 -16.32 -11.59 -13.42
CA GLY D 92 -15.38 -10.44 -13.28
C GLY D 92 -14.56 -10.14 -14.51
N ALA D 93 -14.80 -10.77 -15.67
CA ALA D 93 -14.19 -10.37 -16.95
C ALA D 93 -14.64 -8.95 -17.31
N ASP D 94 -13.68 -8.08 -17.66
CA ASP D 94 -13.90 -6.68 -18.06
C ASP D 94 -14.09 -6.60 -19.58
N ILE D 95 -13.33 -7.40 -20.31
CA ILE D 95 -13.30 -7.38 -21.79
C ILE D 95 -13.84 -8.73 -22.29
N LEU D 96 -14.90 -8.67 -23.11
CA LEU D 96 -15.56 -9.88 -23.65
C LEU D 96 -15.10 -10.05 -25.09
N ILE D 97 -14.31 -11.08 -25.37
CA ILE D 97 -13.69 -11.24 -26.71
C ILE D 97 -14.44 -12.34 -27.47
N VAL D 98 -15.06 -11.95 -28.57
CA VAL D 98 -15.75 -12.88 -29.51
C VAL D 98 -14.71 -13.40 -30.50
N ASN D 99 -14.45 -14.70 -30.42
CA ASN D 99 -13.64 -15.46 -31.39
C ASN D 99 -14.53 -16.45 -32.12
N PRO D 100 -15.09 -16.07 -33.29
CA PRO D 100 -16.14 -16.86 -33.93
C PRO D 100 -15.66 -17.96 -34.89
N ASP D 101 -16.54 -18.94 -35.16
CA ASP D 101 -16.29 -20.03 -36.15
C ASP D 101 -16.40 -19.47 -37.57
N ASP D 102 -17.32 -18.52 -37.80
CA ASP D 102 -17.44 -17.77 -39.08
C ASP D 102 -18.04 -16.39 -38.81
N PHE D 103 -18.10 -15.55 -39.84
CA PHE D 103 -18.46 -14.11 -39.74
C PHE D 103 -19.93 -13.96 -39.33
N GLU D 104 -20.82 -14.78 -39.91
CA GLU D 104 -22.29 -14.66 -39.66
C GLU D 104 -22.50 -14.86 -38.14
N LYS D 105 -21.94 -15.96 -37.59
CA LYS D 105 -22.16 -16.35 -36.17
C LYS D 105 -21.49 -15.33 -35.25
N GLY D 106 -20.37 -14.75 -35.68
CA GLY D 106 -19.63 -13.74 -34.89
C GLY D 106 -20.46 -12.47 -34.71
N VAL D 107 -21.00 -11.94 -35.82
CA VAL D 107 -21.83 -10.70 -35.82
C VAL D 107 -23.05 -10.92 -34.92
N GLU D 108 -23.67 -12.11 -34.97
CA GLU D 108 -24.86 -12.43 -34.13
C GLU D 108 -24.49 -12.38 -32.65
N GLU D 109 -23.31 -12.86 -32.28
CA GLU D 109 -22.88 -12.92 -30.85
C GLU D 109 -22.60 -11.49 -30.37
N VAL D 110 -21.93 -10.68 -31.20
CA VAL D 110 -21.68 -9.23 -30.92
C VAL D 110 -23.02 -8.53 -30.73
N LYS D 111 -23.97 -8.76 -31.62
CA LYS D 111 -25.30 -8.09 -31.54
C LYS D 111 -25.92 -8.44 -30.17
N GLU D 112 -25.83 -9.70 -29.75
CA GLU D 112 -26.47 -10.18 -28.50
C GLU D 112 -25.81 -9.53 -27.29
N LEU D 113 -24.47 -9.40 -27.30
CA LEU D 113 -23.76 -8.72 -26.20
C LEU D 113 -24.19 -7.25 -26.14
N LYS D 114 -24.29 -6.58 -27.29
CA LYS D 114 -24.73 -5.17 -27.38
C LYS D 114 -26.14 -5.07 -26.82
N ARG D 115 -27.02 -5.98 -27.23
CA ARG D 115 -28.44 -5.99 -26.77
C ARG D 115 -28.46 -6.11 -25.24
N HIS D 116 -27.65 -7.03 -24.71
CA HIS D 116 -27.48 -7.33 -23.25
C HIS D 116 -26.84 -6.12 -22.53
N GLY D 117 -26.16 -5.23 -23.27
CA GLY D 117 -25.65 -3.96 -22.75
C GLY D 117 -24.19 -4.05 -22.33
N ALA D 118 -23.42 -4.96 -22.94
CA ALA D 118 -22.07 -5.38 -22.49
C ALA D 118 -21.12 -4.19 -22.54
N LYS D 119 -20.66 -3.78 -21.36
CA LYS D 119 -19.33 -3.21 -21.03
C LYS D 119 -18.48 -3.05 -22.31
N ILE D 120 -17.47 -3.90 -22.47
CA ILE D 120 -16.38 -3.75 -23.48
C ILE D 120 -16.31 -5.05 -24.31
N ILE D 121 -16.66 -4.93 -25.59
CA ILE D 121 -16.75 -6.05 -26.56
C ILE D 121 -15.58 -5.96 -27.54
N ALA D 122 -14.87 -7.07 -27.71
CA ALA D 122 -13.79 -7.21 -28.70
C ALA D 122 -14.19 -8.30 -29.68
N TYR D 123 -13.60 -8.26 -30.87
CA TYR D 123 -13.81 -9.21 -31.98
C TYR D 123 -12.44 -9.58 -32.58
N ILE D 124 -12.18 -10.87 -32.76
CA ILE D 124 -10.91 -11.37 -33.37
C ILE D 124 -11.20 -11.75 -34.82
N SER D 125 -10.41 -11.24 -35.76
CA SER D 125 -10.39 -11.70 -37.16
C SER D 125 -9.00 -11.47 -37.79
N LYS D 126 -8.73 -12.19 -38.88
CA LYS D 126 -7.56 -11.99 -39.77
C LYS D 126 -7.86 -10.81 -40.71
N SER D 127 -9.13 -10.45 -40.89
CA SER D 127 -9.58 -9.46 -41.91
C SER D 127 -9.88 -8.11 -41.26
N ALA D 128 -9.26 -7.04 -41.78
CA ALA D 128 -9.61 -5.63 -41.45
C ALA D 128 -11.05 -5.34 -41.89
N GLU D 129 -11.45 -5.92 -43.03
CA GLU D 129 -12.81 -5.74 -43.63
C GLU D 129 -13.85 -6.35 -42.69
N GLU D 130 -13.61 -7.55 -42.17
CA GLU D 130 -14.54 -8.24 -41.23
C GLU D 130 -14.65 -7.41 -39.95
N LEU D 131 -13.53 -6.91 -39.43
CA LEU D 131 -13.49 -6.16 -38.15
C LEU D 131 -14.29 -4.85 -38.30
N LYS D 132 -14.34 -4.28 -39.52
CA LYS D 132 -15.10 -3.03 -39.82
C LYS D 132 -16.60 -3.26 -39.60
N LYS D 133 -17.09 -4.47 -39.89
CA LYS D 133 -18.54 -4.81 -39.83
C LYS D 133 -18.88 -5.28 -38.40
N ALA D 134 -17.94 -5.97 -37.73
CA ALA D 134 -18.00 -6.26 -36.28
C ALA D 134 -18.17 -4.97 -35.47
N GLU D 135 -17.46 -3.90 -35.86
CA GLU D 135 -17.49 -2.56 -35.20
C GLU D 135 -18.93 -2.02 -35.25
N LYS D 136 -19.53 -2.01 -36.45
CA LYS D 136 -20.90 -1.48 -36.70
C LYS D 136 -21.91 -2.10 -35.73
N ALA D 137 -21.78 -3.41 -35.49
CA ALA D 137 -22.67 -4.24 -34.64
C ALA D 137 -22.46 -3.96 -33.14
N GLY D 138 -21.34 -3.35 -32.72
CA GLY D 138 -21.15 -2.85 -31.34
C GLY D 138 -19.81 -3.22 -30.71
N ALA D 139 -18.85 -3.77 -31.47
CA ALA D 139 -17.49 -4.13 -30.99
C ALA D 139 -16.68 -2.83 -30.78
N ASP D 140 -16.07 -2.66 -29.59
CA ASP D 140 -15.26 -1.46 -29.21
C ASP D 140 -13.75 -1.70 -29.50
N ILE D 141 -13.28 -2.95 -29.42
CA ILE D 141 -11.85 -3.33 -29.62
C ILE D 141 -11.74 -4.31 -30.79
N LEU D 142 -11.06 -3.89 -31.87
CA LEU D 142 -10.81 -4.73 -33.08
C LEU D 142 -9.45 -5.41 -32.95
N ILE D 143 -9.43 -6.75 -32.89
CA ILE D 143 -8.22 -7.58 -32.64
C ILE D 143 -7.81 -8.28 -33.94
N VAL D 144 -6.63 -7.93 -34.47
CA VAL D 144 -6.02 -8.61 -35.65
C VAL D 144 -5.25 -9.84 -35.16
N ASN D 145 -5.63 -10.99 -35.70
CA ASN D 145 -5.00 -12.32 -35.51
C ASN D 145 -4.53 -12.78 -36.89
N PRO D 146 -3.31 -12.38 -37.28
CA PRO D 146 -2.86 -12.53 -38.67
C PRO D 146 -2.44 -13.96 -39.01
N ASP D 147 -2.53 -14.32 -40.29
CA ASP D 147 -1.92 -15.56 -40.86
C ASP D 147 -0.40 -15.44 -40.80
N ASP D 148 0.15 -14.25 -41.16
CA ASP D 148 1.61 -13.99 -41.29
C ASP D 148 1.88 -12.53 -40.90
N PHE D 149 3.13 -12.16 -40.61
CA PHE D 149 3.52 -10.80 -40.15
C PHE D 149 3.26 -9.77 -41.26
N GLU D 150 3.71 -10.05 -42.48
CA GLU D 150 3.64 -9.13 -43.65
C GLU D 150 2.17 -8.71 -43.84
N LYS D 151 1.29 -9.71 -43.97
CA LYS D 151 -0.20 -9.56 -44.06
C LYS D 151 -0.72 -8.80 -42.85
N GLY D 152 -0.33 -9.24 -41.65
CA GLY D 152 -0.82 -8.76 -40.35
C GLY D 152 -0.73 -7.26 -40.20
N VAL D 153 0.44 -6.69 -40.44
CA VAL D 153 0.72 -5.24 -40.18
C VAL D 153 -0.07 -4.39 -41.20
N GLU D 154 -0.31 -4.93 -42.39
CA GLU D 154 -1.08 -4.25 -43.47
C GLU D 154 -2.55 -4.13 -43.04
N GLU D 155 -3.09 -5.16 -42.38
CA GLU D 155 -4.47 -5.16 -41.82
C GLU D 155 -4.58 -4.10 -40.72
N VAL D 156 -3.58 -3.96 -39.85
CA VAL D 156 -3.52 -2.89 -38.79
C VAL D 156 -3.51 -1.53 -39.48
N LYS D 157 -2.65 -1.38 -40.51
CA LYS D 157 -2.49 -0.16 -41.32
C LYS D 157 -3.83 0.24 -41.94
N GLU D 158 -4.64 -0.76 -42.34
CA GLU D 158 -5.96 -0.57 -42.98
C GLU D 158 -6.98 -0.10 -41.93
N LEU D 159 -7.00 -0.69 -40.73
CA LEU D 159 -7.88 -0.26 -39.61
C LEU D 159 -7.53 1.16 -39.16
N LYS D 160 -6.24 1.50 -39.09
CA LYS D 160 -5.74 2.83 -38.63
C LYS D 160 -6.23 3.90 -39.61
N ARG D 161 -6.20 3.55 -40.90
CA ARG D 161 -6.68 4.35 -42.06
C ARG D 161 -8.19 4.60 -41.93
N HIS D 162 -8.97 3.52 -41.72
CA HIS D 162 -10.45 3.55 -41.56
C HIS D 162 -10.84 4.29 -40.26
N GLY D 163 -9.88 4.57 -39.38
CA GLY D 163 -10.09 5.37 -38.15
C GLY D 163 -10.70 4.54 -37.04
N ALA D 164 -10.39 3.24 -36.99
CA ALA D 164 -10.81 2.32 -35.91
C ALA D 164 -10.30 2.84 -34.57
N LYS D 165 -11.20 2.87 -33.58
CA LYS D 165 -11.04 3.37 -32.19
C LYS D 165 -9.78 2.77 -31.54
N ILE D 166 -9.87 1.49 -31.17
CA ILE D 166 -8.90 0.72 -30.34
C ILE D 166 -8.57 -0.57 -31.11
N ILE D 167 -7.34 -0.68 -31.56
CA ILE D 167 -6.81 -1.81 -32.38
C ILE D 167 -5.90 -2.65 -31.49
N ALA D 168 -6.02 -3.97 -31.57
CA ALA D 168 -5.09 -4.91 -30.90
C ALA D 168 -4.48 -5.83 -31.95
N TYR D 169 -3.33 -6.39 -31.61
CA TYR D 169 -2.54 -7.26 -32.51
C TYR D 169 -2.07 -8.44 -31.67
N ILE D 170 -2.19 -9.65 -32.21
CA ILE D 170 -1.80 -10.92 -31.54
C ILE D 170 -0.52 -11.43 -32.21
N SER D 171 0.49 -11.78 -31.41
CA SER D 171 1.77 -12.35 -31.91
C SER D 171 2.54 -12.99 -30.77
N LYS D 172 3.37 -13.99 -31.06
CA LYS D 172 4.23 -14.68 -30.06
C LYS D 172 5.51 -13.87 -29.84
N SER D 173 5.70 -12.79 -30.62
CA SER D 173 7.00 -12.07 -30.78
C SER D 173 6.86 -10.59 -30.40
N ALA D 174 7.63 -10.15 -29.40
CA ALA D 174 7.69 -8.73 -28.97
C ALA D 174 8.15 -7.84 -30.14
N GLU D 175 9.05 -8.33 -31.00
CA GLU D 175 9.61 -7.54 -32.13
C GLU D 175 8.51 -7.23 -33.13
N GLU D 176 7.68 -8.23 -33.44
CA GLU D 176 6.50 -8.10 -34.32
C GLU D 176 5.47 -7.15 -33.70
N LEU D 177 5.24 -7.26 -32.38
CA LEU D 177 4.32 -6.38 -31.62
C LEU D 177 4.82 -4.92 -31.61
N LYS D 178 6.14 -4.69 -31.50
CA LYS D 178 6.72 -3.32 -31.59
C LYS D 178 6.38 -2.71 -32.95
N LYS D 179 6.58 -3.46 -34.04
CA LYS D 179 6.27 -2.98 -35.41
C LYS D 179 4.75 -2.76 -35.54
N ALA D 180 3.91 -3.67 -35.03
CA ALA D 180 2.43 -3.49 -35.07
C ALA D 180 2.05 -2.18 -34.37
N GLU D 181 2.69 -1.84 -33.25
CA GLU D 181 2.39 -0.60 -32.48
C GLU D 181 2.71 0.63 -33.34
N LYS D 182 3.86 0.62 -34.03
CA LYS D 182 4.28 1.69 -34.98
C LYS D 182 3.18 1.94 -36.01
N ALA D 183 2.63 0.84 -36.56
CA ALA D 183 1.58 0.84 -37.62
C ALA D 183 0.22 1.32 -37.07
N GLY D 184 0.04 1.41 -35.74
CA GLY D 184 -1.15 1.99 -35.09
C GLY D 184 -1.76 1.09 -34.02
#